data_8TO4
#
_entry.id   8TO4
#
_cell.length_a   72.346
_cell.length_b   103.109
_cell.length_c   86.867
_cell.angle_alpha   90.00
_cell.angle_beta   101.24
_cell.angle_gamma   90.00
#
_symmetry.space_group_name_H-M   'P 1 21 1'
#
loop_
_entity.id
_entity.type
_entity.pdbx_description
1 polymer 'Epidermal growth factor receptor'
2 non-polymer 'MAGNESIUM ION'
3 non-polymer 'PHOSPHOAMINOPHOSPHONIC ACID-ADENYLATE ESTER'
4 non-polymer (2R)-2-(1,3-dioxo-1,3-dihydro-2H-isoindol-2-yl)-2-phenyl-N-(1,3-thiazol-2-yl)acetamide
5 water water
#
_entity_poly.entity_id   1
_entity_poly.type   'polypeptide(L)'
_entity_poly.pdbx_seq_one_letter_code
;SGEAPNQALLRILKETEFKKIKVLGSGAFGTVYKGLWIPEGEKVKIPVAIKELREATSPKANKEILDEAYVMASVDNPHV
CRLLGICLTSTVQLIMQLMPFGCLLDYVREHKDNIGSQYLLNWCVQIAKGMNYLEDRRLVHRDLAARNVLVKTPQHVKIT
DFGLAKLLGAEEKEYHAEGGKVPIKWMALESILHRIYTHQSDVWSYGVTVWELMTFGSKPYDGIPASEISSILEKGERLP
QPPICTIDVYMIMRKCWMIDADSRPKFRELIIEFSKMARDPQRYLVIQGDERMHLPSPTDSNFYRALMDEEDMDDVVDAD
EYLIPQQG
;
_entity_poly.pdbx_strand_id   D,A,B,C
#
loop_
_chem_comp.id
_chem_comp.type
_chem_comp.name
_chem_comp.formula
ANP non-polymer 'PHOSPHOAMINOPHOSPHONIC ACID-ADENYLATE ESTER' 'C10 H17 N6 O12 P3'
IXR non-polymer (2R)-2-(1,3-dioxo-1,3-dihydro-2H-isoindol-2-yl)-2-phenyl-N-(1,3-thiazol-2-yl)acetamide 'C19 H13 N3 O3 S'
MG non-polymer 'MAGNESIUM ION' 'Mg 2'
#
# COMPACT_ATOMS: atom_id res chain seq x y z
N ALA A 8 -17.19 42.45 5.80
CA ALA A 8 -16.94 43.74 6.47
C ALA A 8 -15.63 43.74 7.24
N LEU A 9 -15.04 42.54 7.37
CA LEU A 9 -13.71 42.27 7.94
C LEU A 9 -12.54 42.49 6.95
N LEU A 10 -12.74 43.23 5.86
CA LEU A 10 -11.71 43.36 4.82
C LEU A 10 -11.48 44.83 4.56
N ARG A 11 -10.46 45.39 5.19
CA ARG A 11 -10.11 46.78 4.94
C ARG A 11 -9.79 46.97 3.45
N ILE A 12 -10.30 48.07 2.88
CA ILE A 12 -10.02 48.39 1.48
C ILE A 12 -9.07 49.59 1.44
N LEU A 13 -7.83 49.35 0.99
CA LEU A 13 -6.76 50.34 1.01
C LEU A 13 -6.77 51.19 -0.25
N LYS A 14 -6.28 52.43 -0.10
CA LYS A 14 -5.95 53.30 -1.23
C LYS A 14 -4.53 53.03 -1.69
N GLU A 15 -4.25 53.37 -2.94
CA GLU A 15 -2.91 53.11 -3.45
C GLU A 15 -1.84 53.90 -2.72
N THR A 16 -2.17 55.05 -2.14
CA THR A 16 -1.12 55.92 -1.62
C THR A 16 -0.71 55.62 -0.18
N GLU A 17 -1.36 54.71 0.51
CA GLU A 17 -1.00 54.46 1.90
C GLU A 17 -0.22 53.16 2.07
N PHE A 18 0.55 52.76 1.06
CA PHE A 18 1.43 51.60 1.16
C PHE A 18 2.28 51.48 -0.09
N LYS A 19 3.51 51.00 0.08
CA LYS A 19 4.51 50.96 -0.98
C LYS A 19 5.32 49.68 -0.93
N LYS A 20 5.52 49.06 -2.10
CA LYS A 20 6.43 47.93 -2.26
C LYS A 20 7.87 48.30 -1.90
N ILE A 21 8.53 47.43 -1.15
CA ILE A 21 9.86 47.71 -0.59
C ILE A 21 10.90 46.66 -0.92
N LYS A 22 10.52 45.41 -1.14
CA LYS A 22 11.43 44.33 -1.46
C LYS A 22 10.64 43.18 -2.07
N VAL A 23 11.15 42.56 -3.14
CA VAL A 23 10.43 41.39 -3.67
C VAL A 23 10.78 40.17 -2.83
N LEU A 24 9.75 39.40 -2.49
CA LEU A 24 9.88 38.20 -1.69
C LEU A 24 9.84 36.91 -2.51
N GLY A 25 9.37 36.97 -3.75
CA GLY A 25 9.26 35.84 -4.65
C GLY A 25 7.92 35.88 -5.38
N SER A 26 7.88 35.25 -6.54
CA SER A 26 6.59 35.08 -7.21
C SER A 26 6.22 33.61 -7.15
N GLY A 27 5.05 33.29 -7.66
CA GLY A 27 4.67 31.91 -7.81
C GLY A 27 3.64 31.75 -8.91
N ALA A 28 2.59 31.01 -8.63
CA ALA A 28 1.58 30.75 -9.66
C ALA A 28 0.68 31.95 -9.85
N PHE A 29 0.02 32.38 -8.78
CA PHE A 29 -1.00 33.40 -8.97
C PHE A 29 -0.40 34.80 -8.94
N GLY A 30 0.62 35.05 -8.12
CA GLY A 30 1.12 36.41 -8.05
C GLY A 30 2.58 36.61 -7.71
N THR A 31 2.93 37.87 -7.47
CA THR A 31 4.21 38.26 -6.89
C THR A 31 3.96 38.82 -5.51
N VAL A 32 4.86 38.55 -4.58
CA VAL A 32 4.67 38.96 -3.19
C VAL A 32 5.83 39.85 -2.78
N TYR A 33 5.50 41.11 -2.41
CA TYR A 33 6.48 42.09 -1.96
C TYR A 33 6.37 42.32 -0.46
N LYS A 34 7.50 42.76 0.13
CA LYS A 34 7.48 43.40 1.44
C LYS A 34 7.12 44.86 1.26
N GLY A 35 5.99 45.28 1.82
CA GLY A 35 5.51 46.62 1.64
C GLY A 35 5.56 47.31 2.97
N LEU A 36 5.32 48.61 2.93
CA LEU A 36 5.20 49.39 4.15
C LEU A 36 3.89 50.14 4.13
N TRP A 37 3.09 49.95 5.17
CA TRP A 37 1.84 50.69 5.33
C TRP A 37 2.13 52.01 6.05
N ILE A 38 1.72 53.12 5.46
CA ILE A 38 1.84 54.37 6.19
C ILE A 38 0.44 54.89 6.51
N PRO A 39 -0.06 54.71 7.74
CA PRO A 39 -1.40 55.22 8.07
C PRO A 39 -1.52 56.70 7.78
N GLU A 40 -2.67 57.07 7.20
CA GLU A 40 -2.91 58.47 6.90
C GLU A 40 -2.79 59.28 8.19
N GLY A 41 -2.24 60.49 8.07
CA GLY A 41 -1.93 61.33 9.21
C GLY A 41 -0.71 60.94 10.02
N GLU A 42 -0.17 59.74 9.85
CA GLU A 42 0.85 59.21 10.76
C GLU A 42 2.23 59.20 10.11
N LYS A 43 3.26 59.27 10.96
CA LYS A 43 4.66 59.21 10.51
C LYS A 43 5.31 57.85 10.81
N VAL A 44 4.50 56.81 10.88
CA VAL A 44 5.01 55.46 11.04
C VAL A 44 4.92 54.75 9.71
N LYS A 45 5.77 53.77 9.57
CA LYS A 45 5.74 52.82 8.47
C LYS A 45 5.58 51.46 9.13
N ILE A 46 4.41 50.85 8.94
CA ILE A 46 4.14 49.51 9.41
C ILE A 46 4.47 48.55 8.26
N PRO A 47 5.31 47.55 8.47
CA PRO A 47 5.55 46.55 7.42
C PRO A 47 4.33 45.69 7.16
N VAL A 48 4.27 45.16 5.93
CA VAL A 48 3.18 44.30 5.49
C VAL A 48 3.73 43.39 4.40
N ALA A 49 2.98 42.32 4.10
CA ALA A 49 3.19 41.53 2.92
C ALA A 49 2.07 41.83 1.92
N ILE A 50 2.45 42.22 0.72
CA ILE A 50 1.51 42.43 -0.37
C ILE A 50 1.69 41.33 -1.39
N LYS A 51 0.58 40.88 -1.96
CA LYS A 51 0.62 40.00 -3.12
C LYS A 51 -0.15 40.66 -4.26
N GLU A 52 0.58 41.26 -5.19
CA GLU A 52 0.00 41.73 -6.42
C GLU A 52 -0.31 40.53 -7.29
N LEU A 53 -1.53 40.46 -7.81
CA LEU A 53 -1.87 39.40 -8.75
C LEU A 53 -1.00 39.47 -10.01
N ARG A 54 -1.03 38.40 -10.82
CA ARG A 54 -0.36 38.35 -12.11
C ARG A 54 -1.25 38.75 -13.28
N GLU A 55 -2.58 38.69 -13.12
CA GLU A 55 -3.54 39.20 -14.12
C GLU A 55 -3.71 40.72 -14.04
N ALA A 56 -4.80 41.26 -14.60
CA ALA A 56 -5.07 42.70 -14.56
C ALA A 56 -6.58 42.83 -14.40
N THR A 57 -7.03 42.92 -13.16
CA THR A 57 -8.45 42.96 -12.88
C THR A 57 -9.12 43.98 -13.80
N SER A 58 -10.27 43.61 -14.32
CA SER A 58 -11.13 44.56 -15.00
C SER A 58 -12.53 44.43 -14.42
N PRO A 59 -13.03 45.44 -13.67
CA PRO A 59 -14.28 45.33 -12.85
C PRO A 59 -14.86 43.90 -12.83
N LYS A 60 -14.16 42.94 -12.19
CA LYS A 60 -14.45 41.50 -12.24
C LYS A 60 -15.88 41.17 -12.66
N LYS A 63 -16.16 42.53 -7.66
CA LYS A 63 -17.08 41.42 -8.02
C LYS A 63 -16.44 40.10 -7.58
N GLU A 64 -16.40 39.10 -8.45
CA GLU A 64 -15.88 37.78 -8.06
C GLU A 64 -14.86 37.85 -6.92
N ILE A 65 -13.64 38.34 -7.22
CA ILE A 65 -12.54 38.41 -6.26
C ILE A 65 -12.96 38.97 -4.91
N LEU A 66 -13.32 40.27 -4.86
CA LEU A 66 -13.71 40.90 -3.60
C LEU A 66 -14.65 40.03 -2.77
N ASP A 67 -15.61 39.35 -3.43
CA ASP A 67 -16.57 38.48 -2.74
C ASP A 67 -15.91 37.26 -2.10
N GLU A 68 -14.81 36.79 -2.69
CA GLU A 68 -13.95 35.77 -2.11
C GLU A 68 -13.01 36.35 -1.04
N ALA A 69 -12.32 37.47 -1.31
CA ALA A 69 -11.49 38.15 -0.30
C ALA A 69 -12.25 38.44 1.00
N TYR A 70 -13.58 38.64 0.92
CA TYR A 70 -14.40 38.81 2.12
C TYR A 70 -14.49 37.52 2.95
N VAL A 71 -14.35 36.37 2.32
CA VAL A 71 -14.23 35.09 3.03
C VAL A 71 -12.81 34.92 3.59
N MET A 72 -11.78 34.98 2.72
CA MET A 72 -10.40 34.79 3.15
C MET A 72 -10.10 35.65 4.35
N ALA A 73 -10.50 36.92 4.30
CA ALA A 73 -10.30 37.88 5.37
C ALA A 73 -11.02 37.49 6.65
N SER A 74 -11.85 36.43 6.62
CA SER A 74 -12.80 36.07 7.66
C SER A 74 -12.52 34.70 8.27
N VAL A 75 -11.25 34.35 8.45
CA VAL A 75 -10.88 33.04 8.98
C VAL A 75 -10.07 33.27 10.25
N ASP A 76 -10.74 33.17 11.41
CA ASP A 76 -10.12 33.35 12.74
C ASP A 76 -9.68 31.98 13.26
N ASN A 77 -8.36 31.73 13.20
CA ASN A 77 -7.81 30.47 13.68
C ASN A 77 -6.28 30.63 13.77
N PRO A 78 -5.65 30.18 14.86
CA PRO A 78 -4.23 30.50 15.05
C PRO A 78 -3.39 29.99 13.93
N HIS A 79 -3.85 28.95 13.24
CA HIS A 79 -3.00 28.18 12.33
C HIS A 79 -3.31 28.42 10.87
N VAL A 80 -4.27 29.25 10.55
CA VAL A 80 -4.57 29.62 9.18
C VAL A 80 -4.47 31.13 9.04
N CYS A 81 -3.77 31.59 8.01
CA CYS A 81 -3.54 33.01 7.74
C CYS A 81 -4.76 33.70 7.11
N ARG A 82 -4.92 34.97 7.46
CA ARG A 82 -6.09 35.77 7.11
C ARG A 82 -5.70 36.89 6.15
N LEU A 83 -6.49 37.06 5.10
CA LEU A 83 -6.35 38.25 4.28
C LEU A 83 -6.75 39.47 5.13
N LEU A 84 -5.88 40.49 5.16
CA LEU A 84 -6.17 41.69 5.96
C LEU A 84 -6.79 42.82 5.16
N GLY A 85 -6.36 43.04 3.93
CA GLY A 85 -6.98 44.09 3.15
C GLY A 85 -6.75 43.86 1.68
N ILE A 86 -7.39 44.69 0.88
CA ILE A 86 -7.31 44.54 -0.56
C ILE A 86 -7.42 45.90 -1.19
N CYS A 87 -6.41 46.24 -1.97
CA CYS A 87 -6.44 47.42 -2.82
C CYS A 87 -6.76 47.01 -4.25
N LEU A 88 -7.91 47.44 -4.75
CA LEU A 88 -8.37 47.13 -6.11
C LEU A 88 -7.73 48.12 -7.07
N THR A 89 -6.68 47.65 -7.74
CA THR A 89 -5.90 48.41 -8.70
C THR A 89 -5.90 47.60 -9.98
N SER A 90 -5.55 48.24 -11.10
CA SER A 90 -5.37 47.53 -12.36
C SER A 90 -4.91 46.10 -12.10
N THR A 91 -3.77 45.98 -11.39
CA THR A 91 -3.37 44.73 -10.74
C THR A 91 -3.77 44.80 -9.28
N VAL A 92 -4.65 43.89 -8.88
CA VAL A 92 -5.21 43.89 -7.53
C VAL A 92 -4.13 43.47 -6.53
N GLN A 93 -4.17 44.10 -5.34
CA GLN A 93 -3.14 43.87 -4.32
C GLN A 93 -3.81 43.38 -3.06
N LEU A 94 -3.38 42.20 -2.60
CA LEU A 94 -3.80 41.62 -1.34
C LEU A 94 -2.74 41.88 -0.26
N ILE A 95 -3.17 42.31 0.91
CA ILE A 95 -2.26 42.67 1.99
C ILE A 95 -2.53 41.75 3.18
N MET A 96 -1.46 41.21 3.77
CA MET A 96 -1.57 40.36 4.96
C MET A 96 -0.31 40.51 5.79
N GLN A 97 -0.31 39.84 6.93
CA GLN A 97 0.72 40.04 7.95
C GLN A 97 2.05 39.55 7.45
N LEU A 98 3.09 40.33 7.70
CA LEU A 98 4.40 39.98 7.18
C LEU A 98 5.05 38.96 8.08
N MET A 99 5.54 37.87 7.50
CA MET A 99 6.19 36.81 8.28
C MET A 99 7.67 36.71 7.95
N PRO A 100 8.53 37.37 8.72
CA PRO A 100 9.94 37.46 8.34
C PRO A 100 10.61 36.11 8.16
N PHE A 101 10.27 35.10 8.96
CA PHE A 101 10.92 33.79 8.80
C PHE A 101 10.64 33.16 7.46
N GLY A 102 9.62 33.63 6.74
CA GLY A 102 9.29 32.98 5.49
C GLY A 102 8.45 31.74 5.68
N CYS A 103 8.49 30.89 4.66
CA CYS A 103 7.68 29.69 4.69
C CYS A 103 8.48 28.48 5.16
N LEU A 104 7.74 27.47 5.62
CA LEU A 104 8.33 26.33 6.28
C LEU A 104 9.23 25.54 5.33
N LEU A 105 8.86 25.47 4.04
CA LEU A 105 9.73 24.89 3.03
C LEU A 105 11.16 25.40 3.14
N ASP A 106 11.35 26.71 2.87
CA ASP A 106 12.68 27.27 2.96
C ASP A 106 13.28 27.00 4.34
N TYR A 107 12.48 27.18 5.40
CA TYR A 107 13.02 27.04 6.74
C TYR A 107 13.60 25.64 6.97
N VAL A 108 12.86 24.59 6.60
CA VAL A 108 13.42 23.25 6.74
C VAL A 108 14.62 23.08 5.83
N ARG A 109 14.55 23.63 4.62
CA ARG A 109 15.72 23.63 3.78
C ARG A 109 16.87 24.30 4.52
N GLU A 110 16.68 25.56 4.91
CA GLU A 110 17.75 26.34 5.52
C GLU A 110 18.31 25.71 6.78
N HIS A 111 17.56 24.85 7.48
CA HIS A 111 18.00 24.24 8.72
C HIS A 111 18.09 22.72 8.62
N LYS A 112 18.48 22.22 7.44
CA LYS A 112 18.55 20.78 7.11
C LYS A 112 18.98 19.90 8.28
N ASP A 113 20.07 20.25 8.92
CA ASP A 113 20.58 19.48 10.05
C ASP A 113 20.55 20.28 11.35
N ASN A 114 19.36 20.79 11.68
CA ASN A 114 19.20 21.42 12.98
C ASN A 114 17.72 21.51 13.36
N ILE A 115 16.98 20.44 13.12
CA ILE A 115 15.55 20.39 13.38
C ILE A 115 15.28 19.09 14.14
N GLY A 116 14.92 19.19 15.41
CA GLY A 116 14.57 18.00 16.17
C GLY A 116 13.34 17.28 15.66
N SER A 117 12.92 16.21 16.35
CA SER A 117 11.66 15.54 16.05
C SER A 117 10.44 16.22 16.67
N GLN A 118 10.63 17.03 17.70
CA GLN A 118 9.46 17.67 18.34
C GLN A 118 8.90 18.71 17.38
N TYR A 119 9.76 19.54 16.82
CA TYR A 119 9.33 20.56 15.86
C TYR A 119 8.52 19.94 14.73
N LEU A 120 9.15 19.04 13.98
CA LEU A 120 8.53 18.41 12.81
C LEU A 120 7.17 17.81 13.15
N LEU A 121 7.13 16.95 14.18
CA LEU A 121 5.86 16.39 14.60
C LEU A 121 4.85 17.48 14.97
N ASN A 122 5.30 18.61 15.49
CA ASN A 122 4.35 19.68 15.94
C ASN A 122 3.87 20.45 14.71
N TRP A 123 4.77 20.86 13.82
CA TRP A 123 4.34 21.44 12.55
C TRP A 123 3.25 20.59 11.91
N CYS A 124 3.47 19.28 11.87
CA CYS A 124 2.47 18.39 11.32
C CYS A 124 1.16 18.51 12.09
N VAL A 125 1.24 18.56 13.42
CA VAL A 125 0.04 18.79 14.23
C VAL A 125 -0.64 20.07 13.78
N GLN A 126 0.14 21.13 13.61
CA GLN A 126 -0.46 22.44 13.41
C GLN A 126 -1.13 22.55 12.04
N ILE A 127 -0.43 22.12 11.00
CA ILE A 127 -0.97 22.20 9.64
C ILE A 127 -2.29 21.45 9.57
N ALA A 128 -2.36 20.29 10.26
CA ALA A 128 -3.60 19.53 10.39
C ALA A 128 -4.70 20.38 11.02
N LYS A 129 -4.42 20.97 12.18
CA LYS A 129 -5.41 21.78 12.86
C LYS A 129 -5.92 22.89 11.95
N GLY A 130 -5.00 23.62 11.33
CA GLY A 130 -5.42 24.62 10.36
C GLY A 130 -6.29 24.02 9.28
N MET A 131 -5.80 22.94 8.65
CA MET A 131 -6.59 22.32 7.59
C MET A 131 -7.95 21.94 8.11
N ASN A 132 -8.00 21.33 9.31
CA ASN A 132 -9.27 20.87 9.85
C ASN A 132 -10.25 22.01 10.01
N TYR A 133 -9.74 23.18 10.42
CA TYR A 133 -10.57 24.37 10.52
C TYR A 133 -11.13 24.78 9.17
N LEU A 134 -10.27 24.85 8.16
CA LEU A 134 -10.77 25.12 6.82
C LEU A 134 -11.83 24.09 6.41
N GLU A 135 -11.58 22.80 6.66
CA GLU A 135 -12.62 21.81 6.39
C GLU A 135 -13.90 22.20 7.10
N ASP A 136 -13.82 22.43 8.41
CA ASP A 136 -15.02 22.79 9.15
C ASP A 136 -15.64 24.06 8.59
N ARG A 137 -14.84 24.97 8.05
CA ARG A 137 -15.44 26.13 7.40
C ARG A 137 -15.87 25.84 5.97
N ARG A 138 -15.88 24.57 5.57
CA ARG A 138 -16.34 24.20 4.24
C ARG A 138 -15.49 24.82 3.12
N LEU A 139 -14.24 25.21 3.39
CA LEU A 139 -13.36 25.70 2.34
C LEU A 139 -12.36 24.63 1.94
N VAL A 140 -12.09 24.54 0.65
CA VAL A 140 -11.07 23.63 0.16
C VAL A 140 -9.84 24.46 -0.15
N HIS A 141 -8.69 23.96 0.27
CA HIS A 141 -7.49 24.76 0.13
C HIS A 141 -7.04 24.81 -1.33
N ARG A 142 -7.05 23.67 -2.02
CA ARG A 142 -6.68 23.48 -3.41
C ARG A 142 -5.19 23.67 -3.65
N ASP A 143 -4.41 24.12 -2.65
CA ASP A 143 -2.99 24.37 -2.86
C ASP A 143 -2.20 24.30 -1.57
N LEU A 144 -2.41 23.25 -0.80
CA LEU A 144 -1.63 23.02 0.41
C LEU A 144 -0.24 22.48 0.05
N ALA A 145 0.81 23.24 0.37
CA ALA A 145 2.17 22.74 0.25
C ALA A 145 3.08 23.52 1.19
N ALA A 146 4.23 22.93 1.51
CA ALA A 146 5.15 23.52 2.48
C ALA A 146 5.51 24.96 2.13
N ARG A 147 5.61 25.26 0.83
CA ARG A 147 5.87 26.64 0.47
C ARG A 147 4.73 27.55 0.85
N ASN A 148 3.53 27.01 1.12
CA ASN A 148 2.35 27.75 1.56
C ASN A 148 2.07 27.55 3.04
N VAL A 149 3.02 27.09 3.81
CA VAL A 149 2.94 27.15 5.26
C VAL A 149 3.97 28.16 5.69
N LEU A 150 3.53 29.24 6.32
CA LEU A 150 4.40 30.32 6.75
C LEU A 150 4.83 30.08 8.18
N VAL A 151 5.99 30.60 8.54
CA VAL A 151 6.48 30.49 9.90
C VAL A 151 6.24 31.81 10.62
N LYS A 152 5.34 31.82 11.62
CA LYS A 152 5.23 33.03 12.44
C LYS A 152 6.41 33.11 13.41
N THR A 153 6.50 32.14 14.30
CA THR A 153 7.75 31.85 14.96
C THR A 153 8.03 30.37 14.77
N PRO A 154 9.26 29.94 14.91
CA PRO A 154 9.58 28.53 14.63
C PRO A 154 8.60 27.57 15.29
N GLN A 155 7.94 28.02 16.35
CA GLN A 155 7.00 27.21 17.12
C GLN A 155 5.55 27.39 16.68
N HIS A 156 5.29 28.15 15.61
CA HIS A 156 3.90 28.47 15.24
C HIS A 156 3.87 28.65 13.72
N VAL A 157 3.22 27.73 13.00
CA VAL A 157 3.19 27.78 11.55
C VAL A 157 1.74 28.00 11.16
N LYS A 158 1.51 28.60 10.00
CA LYS A 158 0.14 28.89 9.61
C LYS A 158 -0.03 28.65 8.12
N ILE A 159 -1.20 28.13 7.76
CA ILE A 159 -1.51 27.90 6.36
C ILE A 159 -1.89 29.21 5.69
N THR A 160 -1.37 29.41 4.48
CA THR A 160 -1.72 30.56 3.67
C THR A 160 -2.17 30.08 2.30
N ASP A 161 -2.95 30.94 1.66
CA ASP A 161 -3.24 30.81 0.24
C ASP A 161 -4.31 29.75 0.01
N PHE A 162 -5.38 29.73 0.82
CA PHE A 162 -6.48 28.81 0.57
C PHE A 162 -7.45 29.44 -0.42
N GLY A 163 -8.59 28.78 -0.62
CA GLY A 163 -9.63 29.19 -1.56
C GLY A 163 -9.76 28.38 -2.83
N VAL A 182 -0.38 24.95 -11.71
CA VAL A 182 -0.82 23.59 -11.37
C VAL A 182 0.25 22.78 -10.64
N PRO A 183 0.06 22.60 -9.33
CA PRO A 183 0.97 21.77 -8.55
C PRO A 183 0.64 20.29 -8.69
N ILE A 184 0.72 19.79 -9.92
CA ILE A 184 0.49 18.38 -10.19
C ILE A 184 1.14 17.56 -9.06
N LYS A 185 2.40 17.87 -8.72
CA LYS A 185 3.11 16.98 -7.80
C LYS A 185 2.53 16.98 -6.39
N TRP A 186 1.62 17.91 -6.06
CA TRP A 186 0.88 17.88 -4.81
C TRP A 186 -0.59 17.50 -4.95
N MET A 187 -1.13 17.52 -6.16
CA MET A 187 -2.54 17.28 -6.36
C MET A 187 -2.88 15.81 -6.15
N ALA A 188 -4.10 15.56 -5.69
CA ALA A 188 -4.62 14.19 -5.63
C ALA A 188 -4.96 13.68 -7.02
N LEU A 189 -4.81 12.37 -7.23
CA LEU A 189 -5.04 11.82 -8.57
C LEU A 189 -6.31 12.37 -9.17
N GLU A 190 -7.40 12.42 -8.41
CA GLU A 190 -8.67 12.83 -8.99
C GLU A 190 -8.70 14.31 -9.35
N SER A 191 -7.86 15.11 -8.72
CA SER A 191 -7.83 16.51 -9.11
C SER A 191 -7.10 16.69 -10.43
N ILE A 192 -6.18 15.77 -10.75
CA ILE A 192 -5.53 15.74 -12.05
C ILE A 192 -6.48 15.22 -13.12
N LEU A 193 -6.92 13.97 -12.95
CA LEU A 193 -7.72 13.32 -13.97
C LEU A 193 -9.04 14.06 -14.19
N HIS A 194 -9.61 14.69 -13.15
CA HIS A 194 -10.97 15.19 -13.23
C HIS A 194 -11.19 16.52 -12.51
N ARG A 195 -10.11 17.26 -12.23
CA ARG A 195 -10.22 18.63 -11.68
C ARG A 195 -11.15 18.69 -10.45
N ILE A 196 -11.28 17.56 -9.75
CA ILE A 196 -12.14 17.44 -8.58
C ILE A 196 -11.33 17.84 -7.34
N TYR A 197 -11.71 18.93 -6.72
CA TYR A 197 -11.08 19.35 -5.47
C TYR A 197 -12.08 19.22 -4.33
N THR A 198 -12.13 18.06 -3.71
CA THR A 198 -12.88 17.90 -2.48
C THR A 198 -11.91 18.03 -1.30
N HIS A 199 -12.46 18.04 -0.08
CA HIS A 199 -11.59 18.10 1.09
C HIS A 199 -10.65 16.91 1.13
N GLN A 200 -11.11 15.74 0.67
CA GLN A 200 -10.28 14.51 0.82
C GLN A 200 -9.04 14.59 -0.07
N SER A 201 -9.05 15.46 -1.07
CA SER A 201 -7.85 15.65 -1.89
C SER A 201 -6.84 16.57 -1.20
N ASP A 202 -7.32 17.57 -0.46
CA ASP A 202 -6.41 18.34 0.38
C ASP A 202 -5.69 17.42 1.37
N VAL A 203 -6.35 16.36 1.83
CA VAL A 203 -5.66 15.40 2.68
C VAL A 203 -4.53 14.73 1.92
N TRP A 204 -4.64 14.65 0.59
CA TRP A 204 -3.52 14.18 -0.20
C TRP A 204 -2.37 15.16 -0.12
N SER A 205 -2.62 16.40 -0.57
CA SER A 205 -1.62 17.46 -0.46
C SER A 205 -1.00 17.52 0.94
N TYR A 206 -1.83 17.41 1.98
CA TYR A 206 -1.27 17.31 3.32
C TYR A 206 -0.22 16.19 3.38
N GLY A 207 -0.50 15.06 2.72
CA GLY A 207 0.43 13.95 2.75
C GLY A 207 1.76 14.29 2.11
N VAL A 208 1.73 15.04 1.01
CA VAL A 208 2.96 15.48 0.35
C VAL A 208 3.70 16.48 1.22
N THR A 209 2.95 17.38 1.87
CA THR A 209 3.53 18.43 2.69
C THR A 209 4.34 17.82 3.83
N VAL A 210 3.74 16.89 4.59
CA VAL A 210 4.51 16.20 5.61
C VAL A 210 5.74 15.57 4.99
N TRP A 211 5.57 14.88 3.86
CA TRP A 211 6.69 14.26 3.17
C TRP A 211 7.77 15.31 3.00
N GLU A 212 7.41 16.47 2.45
CA GLU A 212 8.33 17.59 2.33
C GLU A 212 9.00 17.93 3.65
N LEU A 213 8.21 18.02 4.71
CA LEU A 213 8.76 18.35 6.00
C LEU A 213 9.82 17.33 6.40
N MET A 214 9.47 16.05 6.39
CA MET A 214 10.37 15.02 6.90
C MET A 214 11.59 14.83 6.02
N THR A 215 11.47 15.05 4.69
CA THR A 215 12.56 14.97 3.74
C THR A 215 13.39 16.25 3.75
N PHE A 216 12.96 17.25 4.54
CA PHE A 216 13.75 18.47 4.80
C PHE A 216 13.83 19.37 3.57
N GLY A 217 12.72 19.45 2.84
CA GLY A 217 12.62 20.30 1.67
C GLY A 217 12.85 19.62 0.33
N SER A 218 12.90 18.31 0.28
CA SER A 218 13.11 17.62 -0.98
C SER A 218 11.99 17.94 -1.94
N LYS A 219 12.21 17.60 -3.18
CA LYS A 219 11.22 17.87 -4.21
C LYS A 219 10.45 16.61 -4.53
N PRO A 220 9.12 16.68 -4.60
CA PRO A 220 8.32 15.46 -4.80
C PRO A 220 8.42 14.95 -6.24
N TYR A 221 8.71 13.65 -6.37
CA TYR A 221 8.83 12.94 -7.65
C TYR A 221 9.98 13.49 -8.50
N ASP A 222 11.06 13.87 -7.83
CA ASP A 222 12.18 14.50 -8.53
C ASP A 222 12.79 13.60 -9.58
N GLY A 223 12.40 13.79 -10.83
CA GLY A 223 12.93 12.97 -11.89
C GLY A 223 11.86 12.68 -12.88
N ILE A 224 10.61 12.64 -12.42
CA ILE A 224 9.46 12.26 -13.22
C ILE A 224 8.80 13.52 -13.79
N PRO A 225 8.71 13.67 -15.11
CA PRO A 225 8.06 14.86 -15.67
C PRO A 225 6.67 15.02 -15.08
N ALA A 226 6.27 16.27 -14.87
CA ALA A 226 4.94 16.46 -14.28
C ALA A 226 3.78 16.09 -15.27
N SER A 227 4.07 15.53 -16.44
CA SER A 227 3.06 14.98 -17.34
C SER A 227 2.85 13.49 -17.12
N GLU A 228 3.65 12.85 -16.25
CA GLU A 228 3.68 11.41 -16.05
C GLU A 228 3.27 11.00 -14.64
N ILE A 229 2.95 11.96 -13.78
CA ILE A 229 2.52 11.66 -12.43
C ILE A 229 1.21 10.87 -12.44
N SER A 230 0.21 11.31 -13.22
CA SER A 230 -1.05 10.57 -13.32
C SER A 230 -0.85 9.09 -13.69
N SER A 231 0.29 8.72 -14.26
CA SER A 231 0.55 7.33 -14.62
C SER A 231 1.29 6.56 -13.52
N ILE A 232 2.38 7.13 -12.98
CA ILE A 232 3.06 6.47 -11.87
C ILE A 232 2.13 6.32 -10.67
N LEU A 233 1.18 7.25 -10.52
CA LEU A 233 0.22 7.14 -9.45
C LEU A 233 -0.74 6.01 -9.71
N GLU A 234 -1.21 5.89 -10.96
CA GLU A 234 -2.10 4.80 -11.32
C GLU A 234 -1.39 3.44 -11.33
N LYS A 235 -0.07 3.41 -11.53
CA LYS A 235 0.65 2.17 -11.26
C LYS A 235 0.78 1.89 -9.77
N GLY A 236 0.40 2.82 -8.89
CA GLY A 236 0.59 2.63 -7.47
C GLY A 236 1.89 3.18 -6.93
N GLU A 237 2.61 3.99 -7.71
CA GLU A 237 3.85 4.59 -7.23
C GLU A 237 3.56 5.80 -6.35
N ARG A 238 4.37 5.94 -5.31
CA ARG A 238 4.16 6.93 -4.27
C ARG A 238 5.51 7.37 -3.78
N LEU A 239 5.57 8.55 -3.19
CA LEU A 239 6.82 9.02 -2.66
C LEU A 239 7.40 8.00 -1.69
N PRO A 240 8.71 8.02 -1.50
CA PRO A 240 9.37 7.06 -0.62
C PRO A 240 9.42 7.50 0.84
N GLN A 241 9.70 6.53 1.69
CA GLN A 241 9.84 6.73 3.13
C GLN A 241 11.06 7.60 3.41
N PRO A 242 10.91 8.82 3.92
CA PRO A 242 12.08 9.62 4.27
C PRO A 242 12.92 8.90 5.33
N PRO A 243 14.24 9.03 5.25
CA PRO A 243 15.12 8.44 6.29
C PRO A 243 14.60 8.55 7.72
N ILE A 244 14.43 9.78 8.23
CA ILE A 244 14.03 9.98 9.61
C ILE A 244 12.70 9.30 9.94
N CYS A 245 11.86 9.03 8.95
CA CYS A 245 10.52 8.51 9.20
C CYS A 245 10.54 7.05 9.66
N THR A 246 9.63 6.69 10.57
CA THR A 246 9.40 5.29 10.95
C THR A 246 8.33 4.66 10.06
N ILE A 247 7.79 3.51 10.48
CA ILE A 247 6.67 2.89 9.79
C ILE A 247 5.33 3.56 10.14
N ASP A 248 5.16 4.05 11.37
CA ASP A 248 3.95 4.78 11.78
C ASP A 248 3.83 6.11 11.06
N VAL A 249 4.93 6.86 10.95
CA VAL A 249 4.90 8.17 10.31
C VAL A 249 4.81 8.05 8.79
N TYR A 250 5.35 6.98 8.20
CA TYR A 250 5.25 6.84 6.74
C TYR A 250 3.92 6.21 6.30
N MET A 251 3.31 5.35 7.15
CA MET A 251 2.02 4.74 6.83
C MET A 251 0.87 5.75 6.91
N ILE A 252 0.92 6.70 7.82
CA ILE A 252 -0.05 7.79 7.77
C ILE A 252 0.02 8.47 6.39
N MET A 253 1.23 8.92 6.01
CA MET A 253 1.41 9.57 4.71
C MET A 253 0.76 8.77 3.60
N ARG A 254 1.17 7.50 3.46
CA ARG A 254 0.65 6.64 2.40
C ARG A 254 -0.87 6.69 2.31
N LYS A 255 -1.55 6.60 3.46
CA LYS A 255 -2.99 6.71 3.47
C LYS A 255 -3.46 8.02 2.82
N CYS A 256 -2.77 9.13 3.11
CA CYS A 256 -3.15 10.39 2.46
C CYS A 256 -3.16 10.25 0.95
N TRP A 257 -2.42 9.27 0.40
CA TRP A 257 -2.23 9.15 -1.03
C TRP A 257 -2.95 7.94 -1.58
N MET A 258 -4.11 7.63 -1.06
CA MET A 258 -4.78 6.46 -1.61
C MET A 258 -5.75 6.87 -2.71
N ILE A 259 -6.00 5.92 -3.62
CA ILE A 259 -6.76 6.21 -4.81
C ILE A 259 -8.21 6.48 -4.46
N ASP A 260 -8.86 5.49 -3.84
CA ASP A 260 -10.23 5.67 -3.39
C ASP A 260 -10.19 6.79 -2.34
N ALA A 261 -10.67 7.98 -2.75
CA ALA A 261 -10.50 9.18 -1.95
C ALA A 261 -10.97 8.96 -0.53
N ASP A 262 -12.15 8.34 -0.35
CA ASP A 262 -12.76 8.21 0.97
C ASP A 262 -11.99 7.30 1.90
N SER A 263 -11.07 6.47 1.39
CA SER A 263 -10.27 5.58 2.23
C SER A 263 -9.12 6.30 2.93
N ARG A 264 -9.01 7.64 2.80
CA ARG A 264 -7.99 8.51 3.31
C ARG A 264 -8.39 9.06 4.67
N PRO A 265 -7.43 9.28 5.56
CA PRO A 265 -7.77 9.77 6.89
C PRO A 265 -8.44 11.14 6.82
N LYS A 266 -9.37 11.38 7.74
CA LYS A 266 -9.93 12.72 7.88
C LYS A 266 -8.93 13.59 8.62
N PHE A 267 -8.91 14.90 8.30
CA PHE A 267 -7.99 15.80 8.99
C PHE A 267 -8.05 15.60 10.51
N ARG A 268 -9.27 15.47 11.06
CA ARG A 268 -9.42 15.32 12.51
C ARG A 268 -8.66 14.10 13.07
N GLU A 269 -8.46 13.06 12.25
CA GLU A 269 -7.75 11.87 12.70
C GLU A 269 -6.23 12.00 12.58
N LEU A 270 -5.74 12.96 11.79
CA LEU A 270 -4.31 13.25 11.70
C LEU A 270 -3.84 14.09 12.88
N ILE A 271 -4.72 14.96 13.41
CA ILE A 271 -4.37 15.69 14.62
C ILE A 271 -4.14 14.71 15.77
N ILE A 272 -5.07 13.76 15.95
CA ILE A 272 -4.92 12.81 17.05
C ILE A 272 -3.66 11.97 16.85
N GLU A 273 -3.49 11.42 15.65
CA GLU A 273 -2.32 10.57 15.40
C GLU A 273 -1.02 11.33 15.59
N PHE A 274 -0.88 12.45 14.88
CA PHE A 274 0.34 13.25 14.99
C PHE A 274 0.51 13.82 16.40
N SER A 275 -0.58 14.27 17.03
CA SER A 275 -0.47 14.71 18.42
C SER A 275 0.02 13.59 19.32
N LYS A 276 -0.45 12.35 19.08
CA LYS A 276 0.02 11.20 19.84
C LYS A 276 1.50 10.96 19.64
N MET A 277 1.96 11.04 18.38
CA MET A 277 3.37 10.85 18.09
C MET A 277 4.20 12.02 18.63
N ALA A 278 3.67 13.23 18.59
CA ALA A 278 4.45 14.35 19.08
C ALA A 278 4.77 14.21 20.56
N ARG A 279 4.01 13.37 21.29
CA ARG A 279 4.24 13.20 22.71
C ARG A 279 5.39 12.24 23.01
N ASP A 280 5.95 11.63 22.00
CA ASP A 280 7.07 10.72 22.14
C ASP A 280 7.82 10.72 20.81
N PRO A 281 8.47 11.84 20.48
CA PRO A 281 8.95 12.00 19.10
C PRO A 281 10.19 11.17 18.79
N GLN A 282 11.16 11.12 19.70
CA GLN A 282 12.35 10.34 19.37
C GLN A 282 12.01 8.88 19.12
N ARG A 283 10.76 8.48 19.33
CA ARG A 283 10.28 7.14 19.05
C ARG A 283 9.72 6.97 17.66
N TYR A 284 9.14 8.03 17.08
CA TYR A 284 8.56 8.02 15.73
C TYR A 284 9.39 8.78 14.72
N LEU A 285 10.40 9.53 15.15
CA LEU A 285 11.36 10.12 14.22
C LEU A 285 12.76 9.82 14.72
N VAL A 286 13.61 9.36 13.81
CA VAL A 286 14.93 8.86 14.14
C VAL A 286 15.93 9.78 13.46
N ILE A 287 16.45 10.74 14.22
CA ILE A 287 17.27 11.82 13.70
C ILE A 287 18.60 11.80 14.44
N GLN A 288 19.69 11.99 13.70
CA GLN A 288 21.02 11.97 14.29
C GLN A 288 21.24 13.19 15.16
N GLY A 289 21.80 12.98 16.35
CA GLY A 289 21.93 14.05 17.31
C GLY A 289 20.63 14.65 17.81
N ASP A 290 19.49 14.01 17.55
CA ASP A 290 18.20 14.47 18.08
C ASP A 290 18.31 14.78 19.55
N GLU A 291 19.34 14.24 20.21
CA GLU A 291 19.67 14.51 21.60
C GLU A 291 20.09 15.95 21.90
N ARG A 292 20.36 16.79 20.90
CA ARG A 292 20.88 18.16 21.11
C ARG A 292 20.14 19.24 20.26
N MET A 293 18.79 19.23 20.28
CA MET A 293 17.97 20.05 19.38
C MET A 293 16.49 20.01 19.76
N HIS A 294 15.96 20.96 20.52
CA HIS A 294 14.58 20.81 20.97
C HIS A 294 13.89 22.17 20.91
N LEU A 295 12.68 22.20 21.47
CA LEU A 295 11.84 23.38 21.56
C LEU A 295 12.50 24.53 22.30
N SER A 297 12.14 26.04 24.98
CA SER A 297 12.28 26.53 26.35
C SER A 297 11.24 27.63 26.66
N PRO A 298 10.70 27.61 27.89
CA PRO A 298 9.67 28.61 28.25
C PRO A 298 10.19 30.04 28.18
N THR A 299 11.42 30.29 28.62
CA THR A 299 12.00 31.62 28.51
C THR A 299 12.18 32.04 27.06
N ASP A 300 12.55 31.11 26.17
CA ASP A 300 12.84 31.50 24.79
C ASP A 300 11.58 31.72 23.96
N SER A 301 10.47 31.07 24.31
CA SER A 301 9.19 31.42 23.69
C SER A 301 8.50 32.64 24.34
N ASN A 302 8.49 32.77 25.68
CA ASN A 302 8.00 33.99 26.30
C ASN A 302 8.70 35.24 25.77
N PHE A 303 9.93 35.09 25.24
CA PHE A 303 10.60 36.18 24.56
C PHE A 303 10.16 36.28 23.10
N TYR A 304 10.02 35.13 22.44
CA TYR A 304 9.53 35.11 21.07
C TYR A 304 8.11 35.68 20.98
N ARG A 305 7.23 35.30 21.92
CA ARG A 305 5.83 35.65 21.79
C ARG A 305 5.55 37.13 22.02
N ALA A 306 6.32 37.82 22.87
CA ALA A 306 6.11 39.25 23.03
C ALA A 306 6.60 40.05 21.83
N LEU A 307 7.71 39.63 21.21
CA LEU A 307 8.35 40.31 20.07
C LEU A 307 7.74 39.99 18.71
N MET A 308 6.82 39.04 18.63
CA MET A 308 6.36 38.59 17.33
C MET A 308 4.98 37.99 17.32
N ASP A 309 4.79 36.91 18.06
CA ASP A 309 3.53 36.17 18.05
C ASP A 309 2.80 36.44 19.37
N GLU A 310 1.98 37.48 19.38
CA GLU A 310 1.14 37.79 20.54
C GLU A 310 -0.29 37.29 20.37
N GLU A 311 -0.44 36.00 20.01
CA GLU A 311 -1.75 35.32 19.84
C GLU A 311 -2.89 36.03 20.56
N GLN B 7 13.92 -44.57 0.59
CA GLN B 7 12.70 -45.27 0.17
C GLN B 7 12.50 -45.29 -1.33
N ALA B 8 11.57 -46.15 -1.78
CA ALA B 8 11.34 -46.44 -3.19
C ALA B 8 10.39 -45.45 -3.88
N LEU B 9 9.88 -44.45 -3.18
CA LEU B 9 9.03 -43.45 -3.81
C LEU B 9 9.82 -42.25 -4.34
N LEU B 10 11.13 -42.19 -4.11
CA LEU B 10 11.96 -41.10 -4.64
C LEU B 10 13.08 -41.67 -5.54
N ARG B 11 12.82 -41.67 -6.83
CA ARG B 11 13.83 -42.14 -7.78
C ARG B 11 14.99 -41.15 -7.80
N ILE B 12 16.19 -41.69 -7.79
CA ILE B 12 17.39 -40.84 -7.88
C ILE B 12 17.81 -40.76 -9.35
N LEU B 13 17.96 -39.54 -9.86
CA LEU B 13 18.35 -39.32 -11.23
C LEU B 13 19.85 -39.17 -11.34
N LYS B 14 20.45 -39.86 -12.30
CA LYS B 14 21.77 -39.46 -12.74
C LYS B 14 21.64 -38.31 -13.73
N GLU B 15 22.69 -37.51 -13.86
CA GLU B 15 22.66 -36.43 -14.84
C GLU B 15 22.56 -36.95 -16.27
N THR B 16 23.19 -38.09 -16.53
CA THR B 16 23.22 -38.74 -17.83
C THR B 16 21.84 -39.11 -18.40
N GLU B 17 20.75 -38.95 -17.63
CA GLU B 17 19.47 -39.50 -18.06
C GLU B 17 18.31 -38.49 -18.07
N PHE B 18 18.60 -37.19 -18.06
CA PHE B 18 17.58 -36.20 -18.40
C PHE B 18 18.26 -34.94 -18.94
N LYS B 19 17.46 -34.07 -19.52
CA LYS B 19 17.89 -32.75 -19.97
C LYS B 19 16.73 -31.79 -19.78
N LYS B 20 17.06 -30.52 -19.50
CA LYS B 20 16.08 -29.46 -19.57
C LYS B 20 15.89 -29.06 -21.04
N ILE B 21 14.83 -28.31 -21.31
CA ILE B 21 14.53 -27.93 -22.70
C ILE B 21 14.14 -26.46 -22.83
N LYS B 22 13.12 -26.04 -22.08
CA LYS B 22 12.66 -24.66 -22.09
C LYS B 22 12.43 -24.24 -20.65
N VAL B 23 12.40 -22.92 -20.40
CA VAL B 23 12.09 -22.35 -19.08
C VAL B 23 10.61 -21.99 -19.05
N LEU B 24 9.87 -22.47 -18.04
CA LEU B 24 8.43 -22.25 -17.93
C LEU B 24 8.09 -21.13 -16.96
N GLY B 25 9.09 -20.61 -16.28
CA GLY B 25 8.89 -19.58 -15.27
C GLY B 25 9.92 -19.82 -14.20
N SER B 26 10.02 -18.86 -13.29
CA SER B 26 10.89 -19.05 -12.15
C SER B 26 10.36 -18.22 -10.99
N GLY B 27 10.84 -18.54 -9.79
CA GLY B 27 10.38 -17.92 -8.57
C GLY B 27 11.47 -17.78 -7.53
N ALA B 28 11.10 -17.35 -6.32
CA ALA B 28 12.07 -17.21 -5.25
C ALA B 28 12.64 -18.54 -4.77
N PHE B 29 12.02 -19.66 -5.13
CA PHE B 29 12.53 -20.99 -4.80
C PHE B 29 13.49 -21.55 -5.84
N GLY B 30 13.35 -21.12 -7.08
CA GLY B 30 14.26 -21.50 -8.14
C GLY B 30 13.57 -21.36 -9.47
N THR B 31 14.11 -22.05 -10.48
CA THR B 31 13.55 -22.07 -11.82
C THR B 31 13.00 -23.45 -12.14
N VAL B 32 12.08 -23.48 -13.11
CA VAL B 32 11.33 -24.66 -13.50
C VAL B 32 11.38 -24.77 -15.01
N TYR B 33 11.83 -25.93 -15.50
CA TYR B 33 11.96 -26.25 -16.92
C TYR B 33 11.01 -27.36 -17.35
N LYS B 34 10.62 -27.31 -18.63
CA LYS B 34 10.19 -28.51 -19.37
C LYS B 34 11.43 -29.30 -19.77
N GLY B 35 11.41 -30.61 -19.52
CA GLY B 35 12.59 -31.43 -19.76
C GLY B 35 12.22 -32.77 -20.36
N LEU B 36 13.26 -33.55 -20.69
CA LEU B 36 13.05 -34.90 -21.22
C LEU B 36 13.80 -35.93 -20.36
N TRP B 37 13.09 -36.97 -19.92
CA TRP B 37 13.69 -38.13 -19.29
C TRP B 37 13.97 -39.19 -20.34
N ILE B 38 15.23 -39.61 -20.46
CA ILE B 38 15.52 -40.65 -21.44
C ILE B 38 15.66 -41.96 -20.68
N PRO B 39 14.65 -42.82 -20.68
CA PRO B 39 14.80 -44.09 -19.98
C PRO B 39 15.97 -44.86 -20.57
N GLU B 40 16.75 -45.50 -19.70
CA GLU B 40 17.97 -46.17 -20.12
C GLU B 40 17.62 -47.36 -21.01
N GLY B 41 18.37 -47.52 -22.09
CA GLY B 41 18.08 -48.54 -23.08
C GLY B 41 16.75 -48.32 -23.75
N GLU B 42 16.42 -47.07 -24.05
CA GLU B 42 15.10 -46.72 -24.57
C GLU B 42 15.25 -45.54 -25.52
N LYS B 43 14.57 -45.63 -26.66
CA LYS B 43 14.60 -44.60 -27.69
C LYS B 43 13.53 -43.51 -27.48
N VAL B 44 12.96 -43.39 -26.28
CA VAL B 44 11.86 -42.47 -26.00
C VAL B 44 12.39 -41.26 -25.24
N LYS B 45 11.88 -40.08 -25.57
CA LYS B 45 11.99 -38.89 -24.73
C LYS B 45 10.63 -38.69 -24.05
N ILE B 46 10.61 -38.72 -22.72
CA ILE B 46 9.39 -38.56 -21.94
C ILE B 46 9.41 -37.17 -21.30
N PRO B 47 8.39 -36.33 -21.49
CA PRO B 47 8.41 -34.98 -20.86
C PRO B 47 8.35 -35.05 -19.35
N VAL B 48 9.25 -34.29 -18.70
CA VAL B 48 9.15 -34.03 -17.27
C VAL B 48 9.12 -32.54 -16.98
N ALA B 49 8.67 -32.20 -15.79
CA ALA B 49 8.92 -30.90 -15.19
C ALA B 49 10.15 -31.03 -14.29
N ILE B 50 11.19 -30.27 -14.59
CA ILE B 50 12.38 -30.23 -13.75
C ILE B 50 12.39 -28.90 -13.03
N LYS B 51 12.67 -28.93 -11.72
CA LYS B 51 12.94 -27.71 -10.99
C LYS B 51 14.37 -27.75 -10.47
N GLU B 52 15.18 -26.78 -10.89
CA GLU B 52 16.50 -26.53 -10.33
C GLU B 52 16.37 -25.49 -9.22
N LEU B 53 16.68 -25.88 -7.99
CA LEU B 53 16.53 -25.02 -6.82
C LEU B 53 17.67 -24.05 -6.67
N ARG B 54 17.33 -22.80 -6.36
CA ARG B 54 18.32 -21.77 -6.09
C ARG B 54 18.74 -21.86 -4.62
N GLU B 55 20.02 -22.14 -4.40
CA GLU B 55 20.62 -22.26 -3.07
C GLU B 55 20.23 -21.11 -2.16
N PRO B 59 22.11 -23.78 2.96
CA PRO B 59 22.86 -24.78 2.16
C PRO B 59 22.39 -26.25 2.29
N LYS B 60 21.71 -26.54 3.40
CA LYS B 60 21.07 -27.83 3.67
C LYS B 60 21.79 -28.95 2.92
N ALA B 61 22.56 -29.75 3.65
CA ALA B 61 23.42 -30.75 3.04
C ALA B 61 22.64 -31.78 2.22
N ASN B 62 23.39 -32.49 1.35
CA ASN B 62 22.85 -33.49 0.44
C ASN B 62 22.12 -34.63 1.12
N LYS B 63 22.09 -34.62 2.47
CA LYS B 63 21.33 -35.59 3.27
C LYS B 63 20.03 -35.01 3.79
N GLU B 64 20.02 -33.76 4.25
CA GLU B 64 18.78 -33.08 4.62
C GLU B 64 17.87 -32.92 3.40
N ILE B 65 18.42 -32.47 2.26
CA ILE B 65 17.66 -32.48 1.02
C ILE B 65 17.08 -33.87 0.78
N LEU B 66 17.93 -34.89 0.69
CA LEU B 66 17.47 -36.26 0.46
C LEU B 66 16.46 -36.74 1.50
N ASP B 67 16.49 -36.19 2.73
CA ASP B 67 15.62 -36.61 3.82
C ASP B 67 14.27 -35.94 3.76
N GLU B 68 14.25 -34.66 3.40
CA GLU B 68 12.99 -34.00 3.12
C GLU B 68 12.42 -34.44 1.78
N ALA B 69 13.28 -34.66 0.78
CA ALA B 69 12.86 -35.26 -0.49
C ALA B 69 11.99 -36.49 -0.25
N TYR B 70 12.53 -37.46 0.49
CA TYR B 70 11.73 -38.65 0.81
C TYR B 70 10.32 -38.28 1.26
N VAL B 71 10.16 -37.15 1.93
CA VAL B 71 8.84 -36.76 2.43
C VAL B 71 7.98 -36.17 1.31
N MET B 72 8.53 -35.18 0.58
CA MET B 72 7.90 -34.67 -0.62
C MET B 72 7.53 -35.80 -1.57
N ALA B 73 8.35 -36.84 -1.63
CA ALA B 73 8.13 -37.92 -2.58
C ALA B 73 7.15 -38.95 -2.08
N SER B 74 6.58 -38.77 -0.90
CA SER B 74 5.67 -39.74 -0.33
C SER B 74 4.24 -39.23 -0.28
N VAL B 75 4.00 -37.99 -0.69
CA VAL B 75 2.66 -37.46 -0.60
C VAL B 75 1.82 -38.05 -1.73
N ASP B 76 0.80 -38.82 -1.35
CA ASP B 76 -0.09 -39.52 -2.28
C ASP B 76 -1.50 -38.97 -2.01
N ASN B 77 -1.96 -38.02 -2.85
CA ASN B 77 -3.29 -37.40 -2.78
C ASN B 77 -3.64 -36.71 -4.09
N PRO B 78 -4.87 -36.86 -4.58
CA PRO B 78 -5.22 -36.34 -5.92
C PRO B 78 -4.98 -34.88 -6.08
N HIS B 79 -4.64 -34.19 -5.01
CA HIS B 79 -4.69 -32.74 -4.96
C HIS B 79 -3.41 -32.16 -4.40
N VAL B 80 -2.34 -32.94 -4.37
CA VAL B 80 -1.02 -32.43 -4.07
C VAL B 80 -0.02 -33.02 -5.06
N CYS B 81 1.08 -32.32 -5.29
CA CYS B 81 2.12 -32.82 -6.19
C CYS B 81 3.11 -33.65 -5.37
N ARG B 82 3.33 -34.89 -5.79
CA ARG B 82 4.38 -35.74 -5.22
C ARG B 82 5.71 -35.47 -5.91
N LEU B 83 6.80 -35.48 -5.15
CA LEU B 83 8.11 -35.41 -5.78
C LEU B 83 8.47 -36.80 -6.31
N LEU B 84 8.74 -36.88 -7.61
CA LEU B 84 9.07 -38.17 -8.22
C LEU B 84 10.57 -38.47 -8.23
N GLY B 85 11.42 -37.50 -8.52
CA GLY B 85 12.85 -37.74 -8.52
C GLY B 85 13.67 -36.56 -8.07
N ILE B 86 14.96 -36.82 -7.79
CA ILE B 86 15.89 -35.79 -7.33
C ILE B 86 17.26 -36.10 -7.93
N CYS B 87 18.02 -35.05 -8.27
CA CYS B 87 19.40 -35.15 -8.79
C CYS B 87 20.28 -34.13 -8.08
N LEU B 88 21.04 -34.62 -7.08
CA LEU B 88 21.89 -33.78 -6.21
C LEU B 88 23.32 -33.72 -6.73
N THR B 89 23.44 -33.27 -7.96
CA THR B 89 24.74 -33.17 -8.64
C THR B 89 24.92 -31.73 -9.06
N SER B 90 25.82 -31.02 -8.34
CA SER B 90 26.29 -29.66 -8.66
C SER B 90 25.23 -28.58 -8.40
N THR B 91 23.98 -28.89 -8.74
CA THR B 91 22.79 -28.10 -8.45
C THR B 91 21.72 -29.04 -7.92
N VAL B 92 20.81 -28.52 -7.11
CA VAL B 92 19.69 -29.32 -6.64
C VAL B 92 18.56 -29.25 -7.68
N GLN B 93 18.31 -30.38 -8.36
CA GLN B 93 17.29 -30.50 -9.40
C GLN B 93 16.29 -31.59 -9.04
N LEU B 94 15.00 -31.24 -9.07
CA LEU B 94 13.92 -32.13 -8.65
C LEU B 94 13.06 -32.49 -9.84
N ILE B 95 12.64 -33.75 -9.90
CA ILE B 95 11.85 -34.24 -11.01
C ILE B 95 10.39 -34.40 -10.58
N MET B 96 9.49 -33.88 -11.44
CA MET B 96 8.06 -33.78 -11.19
C MET B 96 7.29 -34.00 -12.46
N GLN B 97 6.07 -34.51 -12.34
CA GLN B 97 5.24 -34.67 -13.53
C GLN B 97 4.90 -33.32 -14.13
N LEU B 98 4.98 -33.22 -15.46
CA LEU B 98 4.77 -31.95 -16.14
C LEU B 98 3.30 -31.59 -16.18
N MET B 99 2.98 -30.30 -16.07
CA MET B 99 1.59 -29.85 -16.12
C MET B 99 1.40 -28.72 -17.12
N PRO B 100 1.22 -29.06 -18.42
CA PRO B 100 1.27 -28.03 -19.47
C PRO B 100 0.32 -26.87 -19.27
N PHE B 101 -0.55 -26.89 -18.28
CA PHE B 101 -1.48 -25.78 -18.10
C PHE B 101 -0.91 -24.67 -17.24
N GLY B 102 0.13 -24.95 -16.44
CA GLY B 102 0.73 -23.93 -15.60
C GLY B 102 0.05 -23.79 -14.26
N CYS B 103 0.09 -22.60 -13.69
CA CYS B 103 -0.40 -22.41 -12.33
C CYS B 103 -1.75 -21.73 -12.32
N LEU B 104 -2.59 -22.17 -11.37
CA LEU B 104 -3.98 -21.73 -11.28
C LEU B 104 -4.06 -20.22 -11.17
N LEU B 105 -3.06 -19.59 -10.56
CA LEU B 105 -3.01 -18.12 -10.54
C LEU B 105 -3.07 -17.55 -11.96
N ASP B 106 -2.16 -18.00 -12.84
CA ASP B 106 -2.12 -17.49 -14.21
C ASP B 106 -3.36 -17.89 -14.99
N TYR B 107 -3.87 -19.10 -14.74
CA TYR B 107 -5.02 -19.60 -15.50
C TYR B 107 -6.19 -18.65 -15.38
N VAL B 108 -6.47 -18.21 -14.14
CA VAL B 108 -7.58 -17.31 -13.90
C VAL B 108 -7.30 -15.93 -14.51
N ARG B 109 -6.11 -15.38 -14.30
CA ARG B 109 -5.87 -14.06 -14.87
C ARG B 109 -6.02 -14.06 -16.39
N GLU B 110 -5.64 -15.17 -17.03
CA GLU B 110 -5.78 -15.35 -18.48
C GLU B 110 -7.24 -15.47 -18.89
N HIS B 111 -7.93 -16.49 -18.36
CA HIS B 111 -9.35 -16.76 -18.56
C HIS B 111 -10.24 -15.94 -17.62
N LYS B 112 -9.71 -14.82 -17.11
CA LYS B 112 -10.41 -13.86 -16.27
C LYS B 112 -11.90 -13.75 -16.57
N ASP B 113 -12.23 -13.15 -17.71
CA ASP B 113 -13.62 -12.87 -18.06
C ASP B 113 -14.37 -14.09 -18.63
N ASN B 114 -13.86 -15.30 -18.44
CA ASN B 114 -14.45 -16.50 -19.01
C ASN B 114 -14.62 -17.64 -17.99
N ILE B 115 -14.32 -17.42 -16.72
CA ILE B 115 -14.41 -18.48 -15.72
C ILE B 115 -15.75 -18.38 -15.02
N GLY B 116 -16.45 -19.54 -14.90
CA GLY B 116 -17.73 -19.64 -14.24
C GLY B 116 -17.61 -20.02 -12.78
N SER B 117 -18.72 -19.91 -12.05
CA SER B 117 -18.66 -19.99 -10.59
C SER B 117 -18.41 -21.42 -10.10
N GLN B 118 -18.80 -22.42 -10.87
CA GLN B 118 -18.61 -23.84 -10.46
C GLN B 118 -17.12 -24.15 -10.45
N TYR B 119 -16.39 -23.75 -11.48
CA TYR B 119 -14.94 -23.91 -11.44
C TYR B 119 -14.36 -23.21 -10.23
N LEU B 120 -14.77 -21.95 -10.00
CA LEU B 120 -14.23 -21.19 -8.89
C LEU B 120 -14.46 -21.92 -7.57
N LEU B 121 -15.70 -22.35 -7.28
CA LEU B 121 -15.90 -23.07 -6.03
C LEU B 121 -15.25 -24.44 -6.07
N ASN B 122 -15.40 -25.17 -7.18
CA ASN B 122 -14.85 -26.53 -7.23
C ASN B 122 -13.34 -26.52 -7.02
N TRP B 123 -12.64 -25.52 -7.56
CA TRP B 123 -11.21 -25.36 -7.24
C TRP B 123 -10.99 -25.13 -5.75
N CYS B 124 -11.80 -24.26 -5.14
CA CYS B 124 -11.72 -24.03 -3.70
C CYS B 124 -11.87 -25.32 -2.91
N VAL B 125 -12.72 -26.24 -3.36
CA VAL B 125 -12.80 -27.53 -2.68
C VAL B 125 -11.44 -28.23 -2.76
N GLN B 126 -10.91 -28.38 -3.98
CA GLN B 126 -9.72 -29.19 -4.19
C GLN B 126 -8.47 -28.60 -3.53
N ILE B 127 -8.30 -27.28 -3.52
CA ILE B 127 -7.12 -26.82 -2.77
C ILE B 127 -7.26 -27.21 -1.31
N ALA B 128 -8.49 -27.33 -0.82
CA ALA B 128 -8.75 -27.69 0.59
C ALA B 128 -8.62 -29.19 0.86
N LYS B 129 -9.06 -30.03 -0.07
CA LYS B 129 -8.84 -31.47 0.06
C LYS B 129 -7.36 -31.78 0.07
N GLY B 130 -6.59 -31.12 -0.80
CA GLY B 130 -5.14 -31.27 -0.73
C GLY B 130 -4.59 -30.79 0.60
N MET B 131 -5.04 -29.64 1.05
CA MET B 131 -4.50 -29.10 2.29
C MET B 131 -4.90 -29.97 3.47
N ASN B 132 -6.13 -30.51 3.43
CA ASN B 132 -6.59 -31.42 4.48
C ASN B 132 -5.67 -32.63 4.60
N TYR B 133 -5.35 -33.26 3.47
CA TYR B 133 -4.48 -34.43 3.44
C TYR B 133 -3.16 -34.13 4.13
N LEU B 134 -2.55 -32.97 3.80
CA LEU B 134 -1.27 -32.62 4.40
C LEU B 134 -1.39 -32.43 5.91
N GLU B 135 -2.51 -31.84 6.37
CA GLU B 135 -2.78 -31.78 7.80
C GLU B 135 -2.98 -33.17 8.38
N ASP B 136 -3.44 -34.12 7.58
CA ASP B 136 -3.57 -35.47 8.06
C ASP B 136 -2.23 -36.16 8.22
N ARG B 137 -1.21 -35.70 7.50
CA ARG B 137 0.13 -36.25 7.60
C ARG B 137 1.01 -35.41 8.53
N ARG B 138 0.42 -34.54 9.35
CA ARG B 138 1.17 -33.65 10.23
C ARG B 138 2.26 -32.89 9.47
N LEU B 139 1.91 -32.41 8.27
CA LEU B 139 2.79 -31.61 7.43
C LEU B 139 2.20 -30.23 7.15
N VAL B 140 3.05 -29.21 7.10
CA VAL B 140 2.60 -27.86 6.86
C VAL B 140 3.24 -27.36 5.58
N HIS B 141 2.43 -26.78 4.70
CA HIS B 141 2.96 -26.33 3.40
C HIS B 141 3.83 -25.11 3.56
N ARG B 142 3.25 -24.05 4.13
CA ARG B 142 3.98 -22.85 4.49
C ARG B 142 3.93 -21.80 3.37
N ASP B 143 3.99 -22.21 2.11
CA ASP B 143 3.82 -21.28 0.99
C ASP B 143 2.63 -21.67 0.11
N LEU B 144 1.42 -21.64 0.67
CA LEU B 144 0.23 -21.80 -0.15
C LEU B 144 -0.17 -20.44 -0.76
N ALA B 145 -0.60 -20.50 -2.01
CA ALA B 145 -0.82 -19.33 -2.84
C ALA B 145 -1.24 -19.79 -4.23
N ALA B 146 -2.01 -18.95 -4.92
CA ALA B 146 -2.52 -19.38 -6.22
C ALA B 146 -1.42 -19.63 -7.27
N ARG B 147 -0.23 -19.02 -7.13
CA ARG B 147 0.94 -19.33 -7.96
C ARG B 147 1.49 -20.74 -7.71
N ASN B 148 1.11 -21.38 -6.58
CA ASN B 148 1.58 -22.70 -6.14
C ASN B 148 0.44 -23.70 -6.10
N VAL B 149 -0.55 -23.52 -6.96
CA VAL B 149 -1.56 -24.52 -7.30
C VAL B 149 -1.38 -24.75 -8.80
N LEU B 150 -0.94 -25.93 -9.20
CA LEU B 150 -0.82 -26.20 -10.62
C LEU B 150 -2.13 -26.71 -11.21
N VAL B 151 -2.30 -26.51 -12.51
CA VAL B 151 -3.47 -27.00 -13.25
C VAL B 151 -3.07 -28.28 -13.97
N LYS B 152 -3.63 -29.42 -13.57
CA LYS B 152 -3.42 -30.62 -14.37
C LYS B 152 -4.40 -30.66 -15.55
N THR B 153 -5.66 -30.56 -15.26
CA THR B 153 -6.63 -30.15 -16.26
C THR B 153 -7.40 -28.99 -15.63
N PRO B 154 -8.33 -28.37 -16.35
CA PRO B 154 -9.11 -27.32 -15.71
C PRO B 154 -10.01 -27.87 -14.62
N GLN B 155 -10.41 -29.13 -14.71
CA GLN B 155 -11.24 -29.74 -13.67
C GLN B 155 -10.46 -30.34 -12.52
N HIS B 156 -9.12 -30.28 -12.54
CA HIS B 156 -8.27 -30.96 -11.56
C HIS B 156 -7.06 -30.10 -11.27
N VAL B 157 -7.00 -29.56 -10.07
CA VAL B 157 -5.83 -28.80 -9.66
C VAL B 157 -5.13 -29.53 -8.52
N LYS B 158 -3.83 -29.31 -8.41
CA LYS B 158 -3.00 -29.92 -7.39
C LYS B 158 -2.11 -28.86 -6.79
N ILE B 159 -1.89 -28.96 -5.48
CA ILE B 159 -0.95 -28.10 -4.77
C ILE B 159 0.48 -28.61 -4.94
N THR B 160 1.38 -27.69 -5.26
CA THR B 160 2.77 -28.05 -5.51
C THR B 160 3.69 -27.24 -4.60
N ASP B 161 4.99 -27.41 -4.85
CA ASP B 161 6.05 -26.83 -4.04
C ASP B 161 5.82 -27.04 -2.56
N PHE B 162 5.18 -28.15 -2.17
CA PHE B 162 5.13 -28.49 -0.75
C PHE B 162 6.54 -28.60 -0.19
N GLY B 163 6.68 -28.39 1.12
CA GLY B 163 7.94 -28.63 1.82
C GLY B 163 9.20 -28.04 1.19
N LEU B 164 9.03 -27.16 0.21
CA LEU B 164 10.14 -26.49 -0.43
C LEU B 164 10.58 -25.24 0.32
N ALA B 165 9.76 -24.72 1.22
CA ALA B 165 10.08 -23.50 1.96
C ALA B 165 10.68 -23.78 3.33
N LYS B 166 10.70 -25.03 3.78
CA LYS B 166 11.36 -25.37 5.03
C LYS B 166 12.70 -26.04 4.81
N LEU B 167 13.12 -26.23 3.56
CA LEU B 167 14.51 -26.53 3.26
C LEU B 167 15.19 -25.39 2.53
N LEU B 168 14.52 -24.23 2.41
CA LEU B 168 15.11 -23.06 1.75
C LEU B 168 14.74 -21.76 2.47
N VAL B 182 9.96 -15.73 0.44
CA VAL B 182 9.24 -15.49 1.72
C VAL B 182 7.98 -14.64 1.54
N PRO B 183 6.88 -15.29 1.15
CA PRO B 183 5.63 -14.54 0.88
C PRO B 183 4.99 -13.89 2.11
N ILE B 184 5.13 -12.57 2.23
CA ILE B 184 4.65 -11.82 3.40
C ILE B 184 3.13 -11.68 3.40
N LYS B 185 2.57 -11.24 2.26
CA LYS B 185 1.13 -10.98 2.16
C LYS B 185 0.27 -12.25 2.20
N TRP B 186 0.86 -13.45 2.09
CA TRP B 186 0.13 -14.70 2.28
C TRP B 186 0.27 -15.30 3.68
N MET B 187 1.13 -14.75 4.54
CA MET B 187 1.38 -15.34 5.86
C MET B 187 0.42 -14.80 6.90
N ALA B 188 0.03 -15.69 7.83
CA ALA B 188 -0.79 -15.28 8.96
C ALA B 188 0.01 -14.36 9.87
N LEU B 189 -0.73 -13.54 10.61
CA LEU B 189 -0.08 -12.53 11.42
C LEU B 189 1.01 -13.14 12.29
N GLU B 190 0.81 -14.36 12.80
CA GLU B 190 1.80 -14.94 13.70
C GLU B 190 3.04 -15.52 12.98
N SER B 191 2.98 -15.69 11.65
CA SER B 191 4.16 -16.12 10.91
C SER B 191 5.07 -14.93 10.55
N ILE B 192 4.48 -13.72 10.48
CA ILE B 192 5.26 -12.51 10.21
C ILE B 192 5.99 -12.04 11.46
N LEU B 193 5.40 -12.24 12.63
CA LEU B 193 5.97 -11.71 13.86
C LEU B 193 6.78 -12.76 14.64
N HIS B 194 6.64 -14.06 14.33
CA HIS B 194 7.29 -15.11 15.12
C HIS B 194 7.75 -16.32 14.32
N ARG B 195 7.72 -16.28 12.98
CA ARG B 195 8.12 -17.40 12.13
C ARG B 195 7.52 -18.73 12.61
N ILE B 196 6.28 -18.68 13.08
CA ILE B 196 5.54 -19.86 13.51
C ILE B 196 4.73 -20.31 12.30
N TYR B 197 4.91 -21.54 11.87
CA TYR B 197 4.14 -22.08 10.77
C TYR B 197 3.40 -23.31 11.27
N THR B 198 2.10 -23.39 10.99
CA THR B 198 1.32 -24.50 11.52
C THR B 198 0.19 -24.87 10.54
N HIS B 199 -0.66 -25.79 10.97
CA HIS B 199 -1.82 -26.11 10.15
C HIS B 199 -2.77 -24.93 10.10
N GLN B 200 -2.99 -24.29 11.25
CA GLN B 200 -3.93 -23.19 11.32
C GLN B 200 -3.45 -21.96 10.57
N SER B 201 -2.14 -21.80 10.36
CA SER B 201 -1.69 -20.68 9.53
C SER B 201 -1.54 -21.05 8.05
N ASP B 202 -1.45 -22.35 7.70
CA ASP B 202 -1.82 -22.69 6.33
C ASP B 202 -3.25 -22.26 6.05
N VAL B 203 -4.09 -22.16 7.08
CA VAL B 203 -5.46 -21.75 6.83
C VAL B 203 -5.49 -20.28 6.42
N TRP B 204 -4.66 -19.44 7.04
CA TRP B 204 -4.54 -18.05 6.60
C TRP B 204 -4.06 -17.97 5.16
N SER B 205 -2.96 -18.65 4.86
CA SER B 205 -2.49 -18.72 3.48
C SER B 205 -3.59 -19.16 2.54
N TYR B 206 -4.37 -20.19 2.93
CA TYR B 206 -5.49 -20.67 2.11
C TYR B 206 -6.55 -19.60 1.93
N GLY B 207 -6.93 -18.96 3.04
CA GLY B 207 -7.89 -17.88 2.96
C GLY B 207 -7.49 -16.90 1.89
N VAL B 208 -6.20 -16.57 1.83
CA VAL B 208 -5.75 -15.62 0.83
C VAL B 208 -5.85 -16.23 -0.55
N THR B 209 -5.58 -17.54 -0.69
CA THR B 209 -5.63 -18.15 -2.02
C THR B 209 -7.04 -18.07 -2.60
N VAL B 210 -8.05 -18.28 -1.76
CA VAL B 210 -9.42 -18.17 -2.23
C VAL B 210 -9.69 -16.76 -2.73
N TRP B 211 -9.28 -15.77 -1.95
CA TRP B 211 -9.38 -14.40 -2.40
C TRP B 211 -8.72 -14.22 -3.77
N GLU B 212 -7.52 -14.77 -3.98
CA GLU B 212 -6.90 -14.56 -5.29
C GLU B 212 -7.79 -15.05 -6.43
N LEU B 213 -8.54 -16.13 -6.22
CA LEU B 213 -9.37 -16.68 -7.28
C LEU B 213 -10.61 -15.82 -7.48
N MET B 214 -11.29 -15.46 -6.37
CA MET B 214 -12.59 -14.76 -6.48
C MET B 214 -12.44 -13.39 -7.15
N THR B 215 -11.27 -12.76 -7.03
CA THR B 215 -10.95 -11.57 -7.80
C THR B 215 -10.25 -11.90 -9.11
N PHE B 216 -10.26 -13.19 -9.50
CA PHE B 216 -9.61 -13.66 -10.74
C PHE B 216 -8.12 -13.34 -10.78
N GLY B 217 -7.42 -13.53 -9.65
CA GLY B 217 -5.98 -13.40 -9.61
C GLY B 217 -5.42 -12.03 -9.27
N SER B 218 -6.22 -11.13 -8.71
CA SER B 218 -5.70 -9.83 -8.34
C SER B 218 -4.54 -10.01 -7.39
N LYS B 219 -3.56 -9.13 -7.49
CA LYS B 219 -2.55 -9.11 -6.46
C LYS B 219 -3.25 -8.78 -5.14
N PRO B 220 -2.72 -9.25 -4.02
CA PRO B 220 -3.30 -8.85 -2.73
C PRO B 220 -2.54 -7.70 -2.08
N TYR B 221 -3.31 -6.77 -1.48
CA TYR B 221 -2.80 -5.53 -0.90
C TYR B 221 -1.92 -4.77 -1.89
N ASP B 222 -2.37 -4.72 -3.15
CA ASP B 222 -1.55 -4.11 -4.19
C ASP B 222 -1.28 -2.65 -3.85
N GLY B 223 -0.02 -2.26 -4.01
CA GLY B 223 0.44 -0.92 -3.74
C GLY B 223 0.70 -0.60 -2.29
N ILE B 224 0.55 -1.58 -1.39
CA ILE B 224 0.81 -1.46 0.04
C ILE B 224 2.10 -2.23 0.32
N PRO B 225 3.18 -1.58 0.74
CA PRO B 225 4.44 -2.30 0.91
C PRO B 225 4.28 -3.44 1.90
N ALA B 226 5.15 -4.44 1.77
CA ALA B 226 5.18 -5.54 2.71
C ALA B 226 5.56 -5.08 4.13
N SER B 227 6.47 -4.11 4.24
CA SER B 227 6.83 -3.58 5.54
C SER B 227 5.62 -3.15 6.36
N GLU B 228 4.47 -2.95 5.73
CA GLU B 228 3.31 -2.42 6.41
C GLU B 228 2.29 -3.48 6.81
N ILE B 229 2.35 -4.66 6.20
CA ILE B 229 1.32 -5.69 6.36
C ILE B 229 1.07 -6.05 7.83
N SER B 230 2.13 -6.30 8.61
CA SER B 230 1.84 -6.70 9.99
C SER B 230 1.25 -5.56 10.80
N SER B 231 1.36 -4.32 10.34
CA SER B 231 0.74 -3.23 11.08
C SER B 231 -0.74 -3.08 10.73
N ILE B 232 -1.06 -3.05 9.43
CA ILE B 232 -2.47 -3.00 9.05
C ILE B 232 -3.22 -4.23 9.53
N LEU B 233 -2.51 -5.35 9.72
CA LEU B 233 -3.16 -6.57 10.19
C LEU B 233 -3.52 -6.44 11.66
N GLU B 234 -2.57 -5.99 12.49
CA GLU B 234 -2.86 -5.70 13.91
C GLU B 234 -4.00 -4.70 14.04
N LYS B 235 -3.99 -3.65 13.22
CA LYS B 235 -5.12 -2.72 13.20
C LYS B 235 -6.43 -3.37 12.72
N GLY B 236 -6.39 -4.60 12.24
CA GLY B 236 -7.64 -5.29 11.91
C GLY B 236 -8.22 -5.04 10.54
N GLU B 237 -7.40 -4.68 9.55
CA GLU B 237 -7.81 -4.58 8.16
C GLU B 237 -7.55 -5.90 7.45
N ARG B 238 -8.38 -6.20 6.46
CA ARG B 238 -8.31 -7.46 5.72
C ARG B 238 -8.48 -7.14 4.24
N LEU B 239 -8.20 -8.13 3.39
CA LEU B 239 -8.49 -7.94 1.98
C LEU B 239 -9.97 -7.58 1.83
N PRO B 240 -10.32 -6.72 0.86
CA PRO B 240 -11.73 -6.32 0.70
C PRO B 240 -12.54 -7.52 0.25
N GLN B 241 -13.88 -7.37 0.20
CA GLN B 241 -14.74 -8.39 -0.41
C GLN B 241 -14.53 -8.33 -1.92
N PRO B 242 -14.28 -9.45 -2.59
CA PRO B 242 -14.31 -9.44 -4.03
C PRO B 242 -15.73 -9.22 -4.53
N PRO B 243 -15.89 -8.46 -5.61
CA PRO B 243 -17.24 -8.21 -6.16
C PRO B 243 -18.08 -9.44 -6.38
N ILE B 244 -17.51 -10.58 -6.79
CA ILE B 244 -18.37 -11.72 -7.09
C ILE B 244 -18.76 -12.48 -5.83
N CYS B 245 -18.28 -12.08 -4.66
CA CYS B 245 -18.50 -12.83 -3.43
C CYS B 245 -19.75 -12.35 -2.70
N THR B 246 -20.78 -13.20 -2.64
CA THR B 246 -21.80 -13.01 -1.62
C THR B 246 -21.16 -13.11 -0.23
N ILE B 247 -21.92 -12.66 0.77
CA ILE B 247 -21.42 -12.55 2.15
C ILE B 247 -21.09 -13.91 2.74
N ASP B 248 -21.78 -14.98 2.30
CA ASP B 248 -21.47 -16.31 2.81
C ASP B 248 -20.01 -16.68 2.54
N VAL B 249 -19.49 -16.30 1.37
CA VAL B 249 -18.11 -16.58 0.98
C VAL B 249 -17.16 -15.67 1.73
N TYR B 250 -17.43 -14.37 1.65
CA TYR B 250 -16.52 -13.39 2.25
C TYR B 250 -16.35 -13.66 3.75
N MET B 251 -17.43 -14.06 4.43
CA MET B 251 -17.36 -14.38 5.85
C MET B 251 -16.38 -15.52 6.14
N ILE B 252 -16.33 -16.53 5.24
CA ILE B 252 -15.42 -17.66 5.40
C ILE B 252 -13.98 -17.22 5.21
N MET B 253 -13.72 -16.42 4.16
CA MET B 253 -12.38 -15.87 4.02
C MET B 253 -11.99 -15.08 5.25
N ARG B 254 -12.95 -14.41 5.88
CA ARG B 254 -12.57 -13.52 6.98
C ARG B 254 -12.15 -14.33 8.20
N LYS B 255 -12.87 -15.41 8.51
CA LYS B 255 -12.49 -16.32 9.58
C LYS B 255 -11.11 -16.94 9.34
N CYS B 256 -10.59 -16.87 8.13
CA CYS B 256 -9.28 -17.41 7.90
C CYS B 256 -8.20 -16.43 8.28
N TRP B 257 -8.56 -15.18 8.61
CA TRP B 257 -7.60 -14.13 8.91
C TRP B 257 -7.82 -13.59 10.30
N MET B 258 -8.30 -14.44 11.18
CA MET B 258 -8.42 -14.03 12.55
C MET B 258 -7.10 -14.21 13.30
N ILE B 259 -6.86 -13.29 14.23
CA ILE B 259 -5.58 -13.24 14.94
C ILE B 259 -5.37 -14.52 15.75
N ASP B 260 -6.41 -15.02 16.42
CA ASP B 260 -6.28 -16.28 17.14
C ASP B 260 -6.46 -17.45 16.16
N ALA B 261 -5.36 -18.18 15.91
CA ALA B 261 -5.32 -19.23 14.88
C ALA B 261 -6.31 -20.37 15.16
N ASP B 262 -6.65 -20.59 16.42
CA ASP B 262 -7.56 -21.64 16.81
C ASP B 262 -9.00 -21.22 16.65
N SER B 263 -9.26 -19.93 16.40
CA SER B 263 -10.57 -19.50 15.92
C SER B 263 -10.75 -19.76 14.42
N ARG B 264 -9.67 -19.85 13.65
CA ARG B 264 -9.77 -20.04 12.23
C ARG B 264 -10.35 -21.42 11.93
N PRO B 265 -10.95 -21.56 10.75
CA PRO B 265 -11.57 -22.84 10.41
C PRO B 265 -10.54 -23.95 10.35
N LYS B 266 -11.05 -25.18 10.32
CA LYS B 266 -10.24 -26.33 10.06
C LYS B 266 -10.39 -26.69 8.59
N PHE B 267 -9.37 -27.35 8.03
CA PHE B 267 -9.42 -27.70 6.62
C PHE B 267 -10.57 -28.67 6.34
N ARG B 268 -10.90 -29.51 7.32
CA ARG B 268 -11.94 -30.51 7.14
C ARG B 268 -13.29 -29.87 6.99
N GLU B 269 -13.48 -28.67 7.57
CA GLU B 269 -14.73 -27.93 7.53
C GLU B 269 -14.84 -27.06 6.27
N LEU B 270 -13.70 -26.54 5.82
CA LEU B 270 -13.67 -25.82 4.55
C LEU B 270 -14.00 -26.75 3.38
N ILE B 271 -13.56 -28.02 3.42
CA ILE B 271 -14.02 -28.97 2.40
C ILE B 271 -15.55 -29.07 2.42
N ILE B 272 -16.12 -29.40 3.58
CA ILE B 272 -17.58 -29.49 3.65
C ILE B 272 -18.21 -28.16 3.29
N GLU B 273 -17.57 -27.07 3.72
CA GLU B 273 -18.15 -25.74 3.57
C GLU B 273 -18.22 -25.31 2.10
N PHE B 274 -17.10 -25.42 1.37
CA PHE B 274 -17.14 -25.03 -0.04
C PHE B 274 -17.88 -26.08 -0.88
N SER B 275 -17.81 -27.35 -0.46
CA SER B 275 -18.56 -28.42 -1.12
C SER B 275 -20.06 -28.13 -1.10
N LYS B 276 -20.59 -27.65 0.02
CA LYS B 276 -22.00 -27.27 0.08
C LYS B 276 -22.32 -26.23 -0.98
N MET B 277 -21.54 -25.13 -1.01
CA MET B 277 -21.76 -24.03 -1.94
C MET B 277 -21.61 -24.46 -3.39
N ALA B 278 -20.90 -25.56 -3.64
CA ALA B 278 -20.69 -26.03 -5.00
C ALA B 278 -21.90 -26.76 -5.57
N ARG B 279 -22.78 -27.28 -4.71
CA ARG B 279 -24.04 -27.83 -5.19
C ARG B 279 -24.99 -26.74 -5.68
N ASP B 280 -24.70 -25.48 -5.36
CA ASP B 280 -25.53 -24.33 -5.69
C ASP B 280 -24.64 -23.09 -5.89
N PRO B 281 -23.70 -23.18 -6.83
CA PRO B 281 -22.68 -22.11 -6.95
C PRO B 281 -23.25 -20.75 -7.25
N GLN B 282 -24.28 -20.68 -8.08
CA GLN B 282 -24.81 -19.38 -8.48
C GLN B 282 -25.47 -18.69 -7.32
N ARG B 283 -25.83 -19.42 -6.27
CA ARG B 283 -26.36 -18.80 -5.07
C ARG B 283 -25.28 -18.10 -4.24
N TYR B 284 -24.01 -18.48 -4.39
CA TYR B 284 -22.93 -17.96 -3.55
C TYR B 284 -21.89 -17.16 -4.29
N LEU B 285 -21.84 -17.22 -5.63
CA LEU B 285 -20.98 -16.34 -6.41
C LEU B 285 -21.85 -15.64 -7.44
N VAL B 286 -21.66 -14.33 -7.55
CA VAL B 286 -22.42 -13.51 -8.49
C VAL B 286 -21.50 -13.03 -9.61
N ILE B 287 -21.45 -13.82 -10.66
CA ILE B 287 -20.69 -13.55 -11.87
C ILE B 287 -21.67 -13.17 -12.97
N GLN B 288 -21.41 -12.05 -13.64
CA GLN B 288 -22.21 -11.69 -14.80
C GLN B 288 -21.91 -12.64 -15.96
N GLY B 289 -22.96 -13.28 -16.50
CA GLY B 289 -22.88 -14.27 -17.55
C GLY B 289 -22.66 -15.72 -17.14
N ASP B 290 -22.61 -16.01 -15.83
CA ASP B 290 -22.31 -17.33 -15.26
C ASP B 290 -22.99 -18.43 -16.05
N GLU B 291 -24.28 -18.22 -16.32
CA GLU B 291 -25.09 -19.14 -17.11
C GLU B 291 -24.53 -19.38 -18.51
N ARG B 292 -23.72 -18.46 -19.06
CA ARG B 292 -23.05 -18.62 -20.36
C ARG B 292 -21.60 -19.08 -20.23
N MET B 293 -20.74 -18.27 -19.59
CA MET B 293 -19.34 -18.61 -19.28
C MET B 293 -18.94 -20.07 -19.39
N SER B 297 -16.02 -27.70 -19.34
CA SER B 297 -17.19 -28.03 -18.54
C SER B 297 -17.98 -29.14 -19.18
N PRO B 298 -18.24 -29.11 -20.49
CA PRO B 298 -18.99 -30.21 -21.12
C PRO B 298 -18.34 -31.57 -20.83
N THR B 299 -18.69 -32.56 -21.66
CA THR B 299 -18.02 -33.86 -21.59
C THR B 299 -16.52 -33.73 -21.87
N ASP B 300 -16.06 -32.48 -22.00
CA ASP B 300 -14.60 -32.25 -22.09
C ASP B 300 -14.01 -32.88 -20.82
N SER B 301 -14.61 -32.60 -19.68
CA SER B 301 -14.24 -33.25 -18.42
C SER B 301 -13.73 -34.66 -18.68
N ASN B 302 -14.46 -35.43 -19.52
CA ASN B 302 -14.15 -36.83 -19.81
C ASN B 302 -13.05 -37.02 -20.85
N PHE B 303 -12.92 -36.11 -21.79
CA PHE B 303 -11.82 -36.23 -22.77
C PHE B 303 -10.49 -35.91 -22.10
N TYR B 304 -10.53 -35.00 -21.13
CA TYR B 304 -9.29 -34.55 -20.46
C TYR B 304 -8.76 -35.66 -19.57
N ARG B 305 -9.67 -36.40 -18.95
CA ARG B 305 -9.28 -37.48 -18.03
C ARG B 305 -8.62 -38.62 -18.81
N ALA B 306 -9.28 -39.09 -19.86
CA ALA B 306 -8.76 -40.23 -20.65
C ALA B 306 -7.61 -39.81 -21.57
N LEU B 307 -7.14 -38.57 -21.48
CA LEU B 307 -5.96 -38.11 -22.26
C LEU B 307 -4.87 -37.67 -21.27
N MET B 308 -5.21 -36.89 -20.26
CA MET B 308 -4.16 -36.34 -19.36
C MET B 308 -4.33 -36.77 -17.89
N ASP B 309 -5.54 -36.73 -17.33
CA ASP B 309 -5.72 -37.05 -15.88
C ASP B 309 -6.36 -38.43 -15.69
N GLU B 310 -5.54 -39.47 -15.51
CA GLU B 310 -6.04 -40.84 -15.29
C GLU B 310 -5.79 -41.24 -13.85
N GLU B 311 -5.48 -40.28 -12.99
CA GLU B 311 -5.17 -40.56 -11.57
C GLU B 311 -6.46 -40.77 -10.80
N ASP B 312 -6.42 -41.63 -9.78
CA ASP B 312 -7.66 -41.95 -9.06
C ASP B 312 -7.87 -40.91 -7.96
N MET B 313 -9.12 -40.76 -7.53
CA MET B 313 -9.46 -39.73 -6.52
C MET B 313 -10.07 -40.37 -5.26
N ASP B 314 -10.40 -41.66 -5.28
CA ASP B 314 -11.03 -42.20 -4.06
C ASP B 314 -10.52 -43.61 -3.79
N ASP B 315 -11.16 -44.62 -4.38
CA ASP B 315 -10.77 -46.05 -4.12
C ASP B 315 -9.51 -46.08 -3.26
N ASP B 318 -11.69 -51.61 -5.77
CA ASP B 318 -10.65 -52.57 -6.21
C ASP B 318 -9.93 -52.03 -7.45
N ALA B 319 -9.47 -52.92 -8.33
CA ALA B 319 -8.70 -52.47 -9.48
C ALA B 319 -9.50 -52.77 -10.75
N ASP B 320 -8.97 -52.39 -11.90
CA ASP B 320 -9.64 -52.68 -13.19
C ASP B 320 -10.97 -51.92 -13.26
N GLU B 321 -11.21 -51.02 -12.31
CA GLU B 321 -12.48 -50.26 -12.27
C GLU B 321 -12.45 -49.18 -13.34
N TYR B 322 -13.63 -48.68 -13.70
CA TYR B 322 -13.71 -47.68 -14.79
C TYR B 322 -13.09 -46.37 -14.31
N LEU B 323 -12.42 -45.63 -15.19
CA LEU B 323 -11.90 -44.30 -14.83
C LEU B 323 -13.05 -43.32 -14.99
N ILE B 324 -13.93 -43.57 -15.97
CA ILE B 324 -15.16 -42.75 -16.17
C ILE B 324 -16.34 -43.62 -15.84
N PRO B 325 -16.86 -43.62 -14.60
CA PRO B 325 -18.06 -44.37 -14.27
C PRO B 325 -19.11 -44.13 -15.35
N GLN B 326 -19.70 -45.20 -15.90
CA GLN B 326 -20.63 -45.04 -17.04
C GLN B 326 -22.09 -45.25 -16.65
N GLN B 327 -23.01 -44.58 -17.36
CA GLN B 327 -24.45 -44.72 -17.08
C GLN B 327 -24.80 -46.15 -16.71
N ALA C 8 34.43 -31.76 -18.75
CA ALA C 8 33.79 -32.44 -19.88
C ALA C 8 33.05 -31.46 -20.81
N LEU C 9 32.52 -30.42 -20.19
CA LEU C 9 32.01 -29.25 -20.90
C LEU C 9 33.12 -28.30 -21.34
N LEU C 10 34.38 -28.58 -20.99
CA LEU C 10 35.46 -27.68 -21.30
C LEU C 10 36.54 -28.47 -22.02
N ARG C 11 36.72 -28.15 -23.30
CA ARG C 11 37.79 -28.70 -24.11
C ARG C 11 39.08 -27.90 -23.90
N ILE C 12 40.19 -28.60 -23.62
CA ILE C 12 41.52 -27.99 -23.51
C ILE C 12 42.18 -27.99 -24.88
N LEU C 13 42.52 -26.81 -25.39
CA LEU C 13 43.10 -26.73 -26.73
C LEU C 13 44.62 -26.80 -26.66
N LYS C 14 45.22 -27.30 -27.75
CA LYS C 14 46.65 -27.18 -27.98
C LYS C 14 46.91 -26.03 -28.95
N GLU C 15 47.73 -25.06 -28.51
CA GLU C 15 48.04 -23.88 -29.30
C GLU C 15 48.20 -24.20 -30.77
N THR C 16 48.77 -25.35 -31.08
CA THR C 16 48.98 -25.80 -32.44
C THR C 16 47.70 -26.13 -33.14
N GLU C 17 46.52 -25.98 -32.52
CA GLU C 17 45.28 -26.36 -33.19
C GLU C 17 44.27 -25.23 -33.29
N PHE C 18 44.65 -24.00 -32.97
CA PHE C 18 43.84 -22.84 -33.31
C PHE C 18 44.79 -21.67 -33.53
N LYS C 19 44.43 -20.82 -34.46
CA LYS C 19 45.25 -19.68 -34.82
C LYS C 19 44.39 -18.42 -34.79
N LYS C 20 44.91 -17.37 -34.18
CA LYS C 20 44.19 -16.10 -34.13
C LYS C 20 44.39 -15.38 -35.46
N ILE C 21 43.37 -14.64 -35.92
CA ILE C 21 43.40 -14.03 -37.25
C ILE C 21 43.34 -12.53 -37.13
N LYS C 22 42.18 -12.00 -36.81
CA LYS C 22 41.94 -10.57 -36.74
C LYS C 22 41.72 -10.21 -35.29
N VAL C 23 41.98 -8.96 -34.94
CA VAL C 23 41.61 -8.46 -33.62
C VAL C 23 40.23 -7.82 -33.73
N LEU C 24 39.23 -8.48 -33.15
CA LEU C 24 37.87 -7.95 -33.10
C LEU C 24 37.74 -6.80 -32.13
N GLY C 25 38.61 -6.74 -31.13
CA GLY C 25 38.58 -5.66 -30.16
C GLY C 25 39.32 -6.01 -28.90
N SER C 26 39.52 -5.00 -28.07
CA SER C 26 40.04 -5.18 -26.73
C SER C 26 39.22 -4.35 -25.76
N GLY C 27 39.25 -4.74 -24.50
CA GLY C 27 38.56 -4.03 -23.45
C GLY C 27 39.40 -3.97 -22.19
N ALA C 28 38.76 -4.18 -21.04
CA ALA C 28 39.45 -4.16 -19.77
C ALA C 28 39.93 -5.54 -19.33
N PHE C 29 39.34 -6.62 -19.85
CA PHE C 29 39.75 -7.97 -19.49
C PHE C 29 40.73 -8.60 -20.47
N GLY C 30 40.83 -8.09 -21.69
CA GLY C 30 41.85 -8.58 -22.60
C GLY C 30 41.72 -8.12 -24.03
N THR C 31 41.83 -9.07 -24.95
CA THR C 31 41.80 -8.77 -26.38
C THR C 31 41.11 -9.93 -27.09
N VAL C 32 40.05 -9.63 -27.83
CA VAL C 32 39.24 -10.64 -28.50
C VAL C 32 39.64 -10.68 -29.97
N TYR C 33 39.79 -11.89 -30.48
CA TYR C 33 40.30 -12.03 -31.85
C TYR C 33 39.38 -12.94 -32.64
N LYS C 34 39.14 -12.60 -33.89
CA LYS C 34 38.42 -13.58 -34.73
C LYS C 34 39.48 -14.66 -34.93
N GLY C 35 39.10 -15.91 -34.74
CA GLY C 35 40.12 -16.94 -34.83
C GLY C 35 39.56 -18.22 -35.46
N LEU C 36 40.46 -19.02 -36.01
CA LEU C 36 40.11 -20.31 -36.61
C LEU C 36 40.48 -21.46 -35.67
N TRP C 37 39.78 -22.57 -35.86
CA TRP C 37 40.13 -23.83 -35.20
C TRP C 37 40.41 -24.85 -36.29
N ILE C 38 41.53 -25.57 -36.17
CA ILE C 38 41.78 -26.65 -37.11
C ILE C 38 41.69 -27.99 -36.41
N PRO C 39 40.58 -28.72 -36.57
CA PRO C 39 40.50 -30.06 -35.98
C PRO C 39 41.67 -30.92 -36.42
N GLU C 40 42.39 -31.47 -35.44
CA GLU C 40 43.49 -32.39 -35.74
C GLU C 40 43.05 -33.35 -36.83
N GLY C 41 43.91 -33.54 -37.83
CA GLY C 41 43.58 -34.50 -38.88
C GLY C 41 42.38 -34.16 -39.74
N GLU C 42 41.88 -32.93 -39.68
CA GLU C 42 40.83 -32.49 -40.57
C GLU C 42 41.34 -31.35 -41.42
N LYS C 43 40.72 -31.15 -42.59
CA LYS C 43 41.12 -30.09 -43.50
C LYS C 43 40.27 -28.82 -43.33
N VAL C 44 39.15 -28.91 -42.62
CA VAL C 44 38.28 -27.77 -42.40
C VAL C 44 38.87 -26.85 -41.35
N LYS C 45 38.44 -25.57 -41.36
CA LYS C 45 38.88 -24.57 -40.38
C LYS C 45 37.65 -23.84 -39.87
N ILE C 46 37.37 -23.94 -38.58
CA ILE C 46 36.09 -23.52 -38.03
C ILE C 46 36.24 -22.17 -37.35
N PRO C 47 35.48 -21.17 -37.76
CA PRO C 47 35.63 -19.85 -37.14
C PRO C 47 35.17 -19.86 -35.69
N VAL C 48 36.07 -19.36 -34.83
CA VAL C 48 35.87 -19.17 -33.40
C VAL C 48 36.32 -17.76 -33.04
N ALA C 49 35.76 -17.22 -31.96
CA ALA C 49 36.31 -16.03 -31.31
C ALA C 49 37.25 -16.47 -30.19
N ILE C 50 38.43 -15.85 -30.13
CA ILE C 50 39.43 -16.16 -29.11
C ILE C 50 39.73 -14.91 -28.30
N LYS C 51 39.46 -14.95 -26.99
CA LYS C 51 39.81 -13.87 -26.08
C LYS C 51 41.07 -14.18 -25.29
N GLU C 52 42.07 -13.30 -25.40
CA GLU C 52 43.32 -13.40 -24.66
C GLU C 52 43.26 -12.44 -23.48
N LEU C 53 43.83 -12.87 -22.36
CA LEU C 53 43.73 -12.16 -21.09
C LEU C 53 45.07 -11.56 -20.67
N ARG C 54 44.97 -10.52 -19.85
CA ARG C 54 46.10 -9.83 -19.23
C ARG C 54 46.23 -10.35 -17.80
N GLU C 55 47.39 -10.90 -17.44
CA GLU C 55 47.59 -11.54 -16.13
C GLU C 55 47.20 -10.63 -14.97
N LYS C 60 47.66 -16.24 -9.94
CA LYS C 60 46.76 -17.32 -10.36
C LYS C 60 47.53 -18.50 -10.94
N ALA C 61 47.42 -19.64 -10.27
CA ALA C 61 48.01 -20.87 -10.78
C ALA C 61 47.05 -21.55 -11.76
N ASN C 62 47.61 -22.09 -12.84
CA ASN C 62 46.81 -22.68 -13.91
C ASN C 62 45.79 -23.67 -13.37
N LYS C 63 46.08 -24.31 -12.25
CA LYS C 63 45.07 -25.17 -11.64
C LYS C 63 43.85 -24.35 -11.22
N GLU C 64 44.05 -23.21 -10.58
CA GLU C 64 42.90 -22.41 -10.15
C GLU C 64 42.17 -21.81 -11.35
N ILE C 65 42.91 -21.43 -12.38
CA ILE C 65 42.28 -20.86 -13.56
C ILE C 65 41.36 -21.88 -14.20
N LEU C 66 41.84 -23.13 -14.29
CA LEU C 66 41.08 -24.22 -14.84
C LEU C 66 39.85 -24.54 -14.02
N ASP C 67 39.84 -24.16 -12.74
CA ASP C 67 38.66 -24.40 -11.92
C ASP C 67 37.55 -23.42 -12.23
N GLU C 68 37.89 -22.23 -12.71
CA GLU C 68 36.86 -21.27 -13.08
C GLU C 68 36.52 -21.29 -14.54
N ALA C 69 37.49 -21.63 -15.40
CA ALA C 69 37.13 -21.96 -16.77
C ALA C 69 36.06 -23.04 -16.77
N TYR C 70 36.21 -24.03 -15.88
CA TYR C 70 35.24 -25.11 -15.80
C TYR C 70 33.86 -24.61 -15.43
N VAL C 71 33.74 -23.44 -14.79
CA VAL C 71 32.45 -22.85 -14.49
C VAL C 71 31.92 -22.04 -15.67
N MET C 72 32.78 -21.21 -16.29
CA MET C 72 32.41 -20.45 -17.48
C MET C 72 31.84 -21.38 -18.53
N ALA C 73 32.29 -22.63 -18.48
CA ALA C 73 32.07 -23.60 -19.53
C ALA C 73 30.78 -24.38 -19.37
N SER C 74 30.18 -24.34 -18.17
CA SER C 74 29.00 -25.14 -17.86
C SER C 74 27.79 -24.27 -17.54
N VAL C 75 27.68 -23.12 -18.20
CA VAL C 75 26.49 -22.30 -18.10
C VAL C 75 25.63 -22.65 -19.30
N ASP C 76 24.61 -23.48 -19.06
CA ASP C 76 23.65 -23.90 -20.08
C ASP C 76 22.39 -23.03 -19.98
N ASN C 77 22.20 -22.13 -20.96
CA ASN C 77 21.01 -21.28 -21.07
C ASN C 77 21.05 -20.54 -22.40
N PRO C 78 19.92 -20.44 -23.11
CA PRO C 78 19.94 -19.81 -24.44
C PRO C 78 20.58 -18.45 -24.46
N HIS C 79 20.51 -17.72 -23.36
CA HIS C 79 20.84 -16.31 -23.35
C HIS C 79 22.13 -16.00 -22.60
N VAL C 80 23.00 -16.99 -22.48
CA VAL C 80 24.31 -16.80 -21.89
C VAL C 80 25.34 -17.53 -22.73
N CYS C 81 26.49 -16.89 -22.94
CA CYS C 81 27.56 -17.46 -23.75
C CYS C 81 28.42 -18.38 -22.90
N ARG C 82 28.54 -19.63 -23.35
CA ARG C 82 29.30 -20.66 -22.64
C ARG C 82 30.75 -20.61 -23.11
N LEU C 83 31.68 -20.54 -22.16
CA LEU C 83 33.08 -20.83 -22.45
C LEU C 83 33.20 -22.21 -23.08
N LEU C 84 33.76 -22.27 -24.28
CA LEU C 84 33.81 -23.56 -24.97
C LEU C 84 35.12 -24.30 -24.80
N GLY C 85 36.23 -23.60 -24.71
CA GLY C 85 37.47 -24.31 -24.45
C GLY C 85 38.53 -23.32 -24.06
N ILE C 86 39.59 -23.85 -23.47
CA ILE C 86 40.63 -23.01 -22.91
C ILE C 86 41.97 -23.54 -23.36
N CYS C 87 42.91 -22.62 -23.54
CA CYS C 87 44.31 -22.98 -23.74
C CYS C 87 45.15 -22.17 -22.77
N LEU C 88 45.95 -22.85 -21.91
CA LEU C 88 46.63 -22.14 -20.83
C LEU C 88 48.13 -22.35 -20.83
N THR C 89 48.65 -22.83 -21.96
CA THR C 89 50.09 -23.08 -22.10
C THR C 89 50.92 -21.83 -21.82
N SER C 90 50.64 -20.74 -22.57
CA SER C 90 51.35 -19.50 -22.37
C SER C 90 50.40 -18.52 -21.70
N THR C 91 49.68 -17.69 -22.44
CA THR C 91 48.65 -16.78 -21.95
C THR C 91 47.33 -17.54 -21.72
N VAL C 92 46.39 -16.90 -21.04
CA VAL C 92 45.06 -17.49 -20.93
C VAL C 92 44.28 -17.15 -22.21
N GLN C 93 43.89 -18.18 -22.94
CA GLN C 93 43.13 -18.02 -24.17
C GLN C 93 41.88 -18.88 -24.06
N LEU C 94 40.73 -18.20 -24.00
CA LEU C 94 39.42 -18.82 -23.93
C LEU C 94 38.88 -18.92 -25.34
N ILE C 95 38.14 -19.99 -25.64
CA ILE C 95 37.53 -20.11 -26.96
C ILE C 95 36.02 -20.22 -26.80
N MET C 96 35.31 -19.45 -27.64
CA MET C 96 33.86 -19.28 -27.63
C MET C 96 33.39 -19.10 -29.06
N GLN C 97 32.11 -19.38 -29.28
CA GLN C 97 31.51 -19.23 -30.60
C GLN C 97 31.60 -17.81 -31.10
N LEU C 98 32.19 -17.64 -32.28
CA LEU C 98 32.22 -16.33 -32.94
C LEU C 98 30.80 -15.86 -33.25
N MET C 99 30.49 -14.62 -32.85
CA MET C 99 29.18 -14.04 -33.13
C MET C 99 29.31 -12.94 -34.18
N PRO C 100 29.09 -13.22 -35.47
CA PRO C 100 29.48 -12.25 -36.50
C PRO C 100 28.68 -10.95 -36.49
N PHE C 101 27.59 -10.85 -35.69
CA PHE C 101 26.91 -9.56 -35.54
C PHE C 101 27.58 -8.67 -34.50
N GLY C 102 28.39 -9.21 -33.62
CA GLY C 102 29.10 -8.37 -32.67
C GLY C 102 28.28 -8.16 -31.41
N CYS C 103 28.57 -7.07 -30.72
CA CYS C 103 27.90 -6.75 -29.45
C CYS C 103 26.72 -5.79 -29.67
N LEU C 104 25.81 -5.80 -28.70
CA LEU C 104 24.52 -5.13 -28.87
C LEU C 104 24.62 -3.62 -28.77
N LEU C 105 25.59 -3.10 -28.01
CA LEU C 105 25.87 -1.68 -28.02
C LEU C 105 26.12 -1.19 -29.44
N ASP C 106 27.11 -1.79 -30.12
CA ASP C 106 27.41 -1.38 -31.49
C ASP C 106 26.24 -1.64 -32.42
N TYR C 107 25.51 -2.74 -32.21
CA TYR C 107 24.38 -3.04 -33.09
C TYR C 107 23.35 -1.93 -33.06
N VAL C 108 22.93 -1.47 -31.87
CA VAL C 108 21.88 -0.45 -31.87
C VAL C 108 22.42 0.84 -32.45
N ARG C 109 23.71 1.11 -32.30
CA ARG C 109 24.22 2.34 -32.90
C ARG C 109 24.14 2.25 -34.42
N GLU C 110 24.58 1.14 -35.01
CA GLU C 110 24.58 1.08 -36.47
C GLU C 110 23.16 1.14 -37.02
N HIS C 111 22.21 0.50 -36.33
CA HIS C 111 20.79 0.59 -36.66
C HIS C 111 20.06 1.67 -35.87
N LYS C 112 20.72 2.83 -35.71
CA LYS C 112 20.27 3.89 -34.81
C LYS C 112 18.76 4.12 -34.90
N ASP C 113 18.22 4.30 -36.11
CA ASP C 113 16.80 4.64 -36.24
C ASP C 113 16.20 3.76 -37.35
N ASN C 114 16.11 2.46 -37.03
CA ASN C 114 15.50 1.42 -37.85
C ASN C 114 15.21 0.18 -37.01
N ILE C 115 14.94 0.39 -35.72
CA ILE C 115 14.75 -0.67 -34.74
C ILE C 115 13.39 -0.44 -34.08
N GLY C 116 12.46 -1.38 -34.28
CA GLY C 116 11.14 -1.27 -33.70
C GLY C 116 11.14 -1.46 -32.19
N SER C 117 9.95 -1.26 -31.60
CA SER C 117 9.78 -1.46 -30.16
C SER C 117 9.93 -2.93 -29.78
N GLN C 118 9.53 -3.82 -30.68
CA GLN C 118 9.52 -5.26 -30.36
C GLN C 118 10.94 -5.78 -30.21
N TYR C 119 11.90 -5.20 -30.93
CA TYR C 119 13.29 -5.64 -30.79
C TYR C 119 13.87 -5.14 -29.47
N LEU C 120 13.48 -3.94 -29.05
CA LEU C 120 14.04 -3.33 -27.85
C LEU C 120 13.46 -3.93 -26.58
N LEU C 121 12.15 -4.11 -26.53
CA LEU C 121 11.54 -4.78 -25.38
C LEU C 121 11.94 -6.25 -25.33
N ASN C 122 12.11 -6.88 -26.50
CA ASN C 122 12.51 -8.29 -26.51
C ASN C 122 13.97 -8.50 -26.16
N TRP C 123 14.83 -7.52 -26.38
CA TRP C 123 16.18 -7.66 -25.87
C TRP C 123 16.18 -7.55 -24.35
N CYS C 124 15.44 -6.57 -23.82
CA CYS C 124 15.34 -6.39 -22.39
C CYS C 124 14.76 -7.62 -21.71
N VAL C 125 13.98 -8.40 -22.44
CA VAL C 125 13.54 -9.68 -21.89
C VAL C 125 14.72 -10.63 -21.77
N GLN C 126 15.35 -10.94 -22.91
CA GLN C 126 16.36 -12.00 -23.00
C GLN C 126 17.54 -11.72 -22.06
N ILE C 127 17.96 -10.46 -21.99
CA ILE C 127 19.06 -10.08 -21.09
C ILE C 127 18.66 -10.36 -19.65
N ALA C 128 17.49 -9.88 -19.24
CA ALA C 128 16.98 -10.26 -17.94
C ALA C 128 17.01 -11.77 -17.75
N LYS C 129 16.64 -12.52 -18.79
CA LYS C 129 16.65 -13.96 -18.65
C LYS C 129 18.06 -14.48 -18.42
N GLY C 130 19.00 -14.11 -19.30
CA GLY C 130 20.36 -14.54 -19.09
C GLY C 130 20.83 -14.19 -17.70
N MET C 131 20.34 -13.06 -17.19
CA MET C 131 20.86 -12.57 -15.91
C MET C 131 20.23 -13.29 -14.73
N ASN C 132 18.91 -13.53 -14.77
CA ASN C 132 18.27 -14.35 -13.75
C ASN C 132 18.89 -15.73 -13.67
N TYR C 133 19.08 -16.37 -14.83
CA TYR C 133 19.78 -17.65 -14.82
C TYR C 133 21.05 -17.58 -13.99
N LEU C 134 21.89 -16.56 -14.23
CA LEU C 134 23.14 -16.43 -13.47
C LEU C 134 22.89 -16.28 -11.96
N GLU C 135 21.91 -15.45 -11.57
CA GLU C 135 21.53 -15.40 -10.15
C GLU C 135 21.17 -16.78 -9.62
N ASP C 136 20.50 -17.60 -10.45
CA ASP C 136 20.11 -18.95 -10.03
C ASP C 136 21.34 -19.80 -9.85
N ARG C 137 22.35 -19.62 -10.70
CA ARG C 137 23.59 -20.35 -10.57
C ARG C 137 24.56 -19.66 -9.59
N ARG C 138 24.09 -18.61 -8.86
CA ARG C 138 24.87 -17.90 -7.83
C ARG C 138 26.13 -17.20 -8.36
N LEU C 139 26.04 -16.65 -9.58
CA LEU C 139 27.17 -16.05 -10.27
C LEU C 139 26.88 -14.60 -10.58
N VAL C 140 27.65 -13.70 -9.99
CA VAL C 140 27.52 -12.27 -10.28
C VAL C 140 28.37 -11.94 -11.50
N HIS C 141 27.76 -11.25 -12.48
CA HIS C 141 28.43 -10.86 -13.71
C HIS C 141 29.57 -9.91 -13.40
N ARG C 142 29.22 -8.68 -12.98
CA ARG C 142 30.11 -7.62 -12.53
C ARG C 142 30.41 -6.63 -13.65
N ASP C 143 30.12 -7.03 -14.90
CA ASP C 143 30.24 -6.14 -16.03
C ASP C 143 29.06 -6.32 -16.98
N LEU C 144 27.84 -6.08 -16.52
CA LEU C 144 26.73 -6.01 -17.44
C LEU C 144 26.79 -4.67 -18.15
N ALA C 145 26.75 -4.69 -19.48
CA ALA C 145 26.66 -3.48 -20.29
C ALA C 145 26.33 -3.91 -21.71
N ALA C 146 25.71 -3.02 -22.49
CA ALA C 146 25.29 -3.42 -23.82
C ALA C 146 26.43 -4.01 -24.66
N ARG C 147 27.68 -3.68 -24.34
CA ARG C 147 28.82 -4.26 -25.04
C ARG C 147 29.01 -5.75 -24.76
N ASN C 148 28.54 -6.26 -23.61
CA ASN C 148 28.65 -7.66 -23.19
C ASN C 148 27.32 -8.39 -23.36
N VAL C 149 26.52 -7.90 -24.29
CA VAL C 149 25.36 -8.61 -24.82
C VAL C 149 25.68 -8.75 -26.31
N LEU C 150 25.97 -9.97 -26.75
CA LEU C 150 26.33 -10.23 -28.13
C LEU C 150 25.09 -10.62 -28.92
N VAL C 151 25.06 -10.23 -30.19
CA VAL C 151 23.95 -10.52 -31.06
C VAL C 151 24.27 -11.79 -31.82
N LYS C 152 23.57 -12.87 -31.45
CA LYS C 152 23.60 -14.11 -32.21
C LYS C 152 22.93 -13.92 -33.57
N THR C 153 21.60 -13.84 -33.59
CA THR C 153 20.76 -13.32 -34.65
C THR C 153 20.21 -11.99 -34.14
N PRO C 154 19.71 -11.11 -35.02
CA PRO C 154 19.25 -9.81 -34.53
C PRO C 154 18.05 -9.99 -33.62
N GLN C 155 17.64 -11.24 -33.40
CA GLN C 155 16.47 -11.56 -32.57
C GLN C 155 16.86 -12.45 -31.39
N HIS C 156 18.15 -12.68 -31.22
CA HIS C 156 18.64 -13.53 -30.15
C HIS C 156 19.92 -12.87 -29.64
N VAL C 157 19.87 -12.29 -28.45
CA VAL C 157 21.03 -11.69 -27.80
C VAL C 157 21.44 -12.61 -26.64
N LYS C 158 22.75 -12.64 -26.38
CA LYS C 158 23.33 -13.50 -25.35
C LYS C 158 24.37 -12.67 -24.61
N ILE C 159 24.51 -12.93 -23.34
CA ILE C 159 25.41 -12.17 -22.50
C ILE C 159 26.76 -12.87 -22.55
N THR C 160 27.81 -12.11 -22.27
CA THR C 160 29.18 -12.53 -22.47
C THR C 160 30.06 -11.96 -21.36
N ASP C 161 31.31 -12.41 -21.36
CA ASP C 161 32.35 -11.92 -20.49
C ASP C 161 31.88 -11.77 -19.04
N PHE C 162 31.15 -12.75 -18.56
CA PHE C 162 30.84 -12.85 -17.13
C PHE C 162 31.90 -13.69 -16.42
N GLY C 163 32.06 -13.41 -15.14
CA GLY C 163 33.02 -14.08 -14.29
C GLY C 163 34.51 -13.84 -14.62
N LEU C 164 34.73 -12.93 -15.58
CA LEU C 164 36.13 -12.58 -15.94
C LEU C 164 36.69 -11.68 -14.84
N ALA C 165 35.84 -10.79 -14.35
CA ALA C 165 36.22 -9.91 -13.23
C ALA C 165 36.41 -10.81 -12.01
N LEU C 167 37.59 -13.30 -10.95
CA LEU C 167 38.23 -14.61 -11.21
C LEU C 167 39.39 -14.40 -12.18
N LEU C 168 39.73 -13.14 -12.46
CA LEU C 168 40.93 -12.90 -13.31
C LEU C 168 42.06 -13.82 -12.87
N VAL C 182 37.44 -0.15 -15.40
CA VAL C 182 36.23 -0.34 -14.58
C VAL C 182 35.05 0.44 -15.06
N PRO C 183 33.90 -0.24 -15.15
CA PRO C 183 32.62 0.42 -15.52
C PRO C 183 32.01 1.19 -14.36
N ILE C 184 32.66 2.29 -13.95
CA ILE C 184 32.10 3.14 -12.90
C ILE C 184 30.66 3.51 -13.21
N LYS C 185 30.40 3.95 -14.44
CA LYS C 185 29.08 4.39 -14.89
C LYS C 185 28.07 3.26 -14.92
N TRP C 186 28.49 2.01 -15.05
CA TRP C 186 27.55 0.91 -14.98
C TRP C 186 27.34 0.42 -13.56
N MET C 187 28.23 0.77 -12.65
CA MET C 187 28.22 0.16 -11.34
C MET C 187 27.15 0.80 -10.45
N ALA C 188 26.48 -0.05 -9.67
CA ALA C 188 25.61 0.42 -8.61
C ALA C 188 26.42 1.22 -7.60
N LEU C 189 25.74 2.10 -6.85
CA LEU C 189 26.46 2.94 -5.90
C LEU C 189 27.42 2.14 -5.01
N GLU C 190 26.90 1.11 -4.34
CA GLU C 190 27.75 0.36 -3.41
C GLU C 190 29.04 -0.16 -4.06
N SER C 191 29.01 -0.44 -5.37
CA SER C 191 30.20 -0.99 -6.02
C SER C 191 31.32 0.04 -6.10
N ILE C 192 30.95 1.30 -6.38
CA ILE C 192 31.93 2.37 -6.53
C ILE C 192 32.58 2.68 -5.20
N LEU C 193 31.73 2.86 -4.16
CA LEU C 193 32.14 3.37 -2.86
C LEU C 193 32.83 2.29 -2.03
N HIS C 194 32.40 1.03 -2.16
CA HIS C 194 32.76 -0.03 -1.22
C HIS C 194 33.21 -1.34 -1.87
N ARG C 195 33.14 -1.48 -3.20
CA ARG C 195 33.51 -2.72 -3.89
C ARG C 195 32.62 -3.91 -3.47
N ILE C 196 31.35 -3.61 -3.24
CA ILE C 196 30.30 -4.61 -3.05
C ILE C 196 29.76 -4.99 -4.41
N TYR C 197 29.65 -6.31 -4.66
CA TYR C 197 29.11 -6.82 -5.93
C TYR C 197 28.11 -7.93 -5.65
N THR C 198 26.81 -7.64 -5.76
CA THR C 198 25.75 -8.60 -5.55
C THR C 198 24.86 -8.65 -6.79
N HIS C 199 23.99 -9.68 -6.85
CA HIS C 199 23.02 -9.76 -7.93
C HIS C 199 22.17 -8.49 -8.06
N GLN C 200 21.85 -7.84 -6.93
CA GLN C 200 21.11 -6.59 -7.00
C GLN C 200 21.96 -5.43 -7.52
N SER C 201 23.30 -5.53 -7.48
CA SER C 201 24.10 -4.52 -8.16
C SER C 201 24.36 -4.86 -9.63
N ASP C 202 24.14 -6.12 -10.03
CA ASP C 202 23.92 -6.38 -11.45
C ASP C 202 22.62 -5.77 -11.93
N VAL C 203 21.71 -5.44 -11.01
CA VAL C 203 20.41 -4.91 -11.37
C VAL C 203 20.53 -3.45 -11.72
N TRP C 204 21.52 -2.76 -11.14
CA TRP C 204 21.77 -1.39 -11.52
C TRP C 204 22.40 -1.34 -12.91
N SER C 205 23.40 -2.20 -13.14
CA SER C 205 24.02 -2.29 -14.45
C SER C 205 23.03 -2.78 -15.49
N TYR C 206 22.15 -3.72 -15.12
CA TYR C 206 21.09 -4.10 -16.05
C TYR C 206 20.20 -2.92 -16.36
N GLY C 207 19.94 -2.07 -15.35
CA GLY C 207 19.19 -0.84 -15.61
C GLY C 207 19.91 0.05 -16.60
N VAL C 208 21.20 0.30 -16.36
CA VAL C 208 22.02 1.17 -17.20
C VAL C 208 22.14 0.60 -18.61
N THR C 209 22.09 -0.73 -18.74
CA THR C 209 22.14 -1.36 -20.06
C THR C 209 20.84 -1.07 -20.80
N VAL C 210 19.72 -1.24 -20.12
CA VAL C 210 18.43 -0.92 -20.74
C VAL C 210 18.41 0.55 -21.19
N TRP C 211 19.13 1.43 -20.49
CA TRP C 211 19.19 2.82 -20.94
C TRP C 211 19.94 2.95 -22.26
N GLU C 212 21.14 2.34 -22.37
CA GLU C 212 21.88 2.33 -23.63
C GLU C 212 20.97 1.92 -24.79
N LEU C 213 20.36 0.74 -24.70
CA LEU C 213 19.41 0.29 -25.72
C LEU C 213 18.39 1.37 -26.07
N MET C 214 17.75 1.96 -25.06
CA MET C 214 16.63 2.89 -25.34
C MET C 214 17.08 4.18 -26.01
N THR C 215 18.28 4.67 -25.71
CA THR C 215 18.80 5.83 -26.43
C THR C 215 19.57 5.42 -27.67
N PHE C 216 19.51 4.14 -28.03
CA PHE C 216 20.21 3.60 -29.20
C PHE C 216 21.73 3.72 -29.09
N GLY C 217 22.28 3.32 -27.94
CA GLY C 217 23.71 3.27 -27.79
C GLY C 217 24.37 4.61 -27.50
N SER C 218 23.79 5.35 -26.54
CA SER C 218 24.36 6.59 -26.05
C SER C 218 25.36 6.34 -24.94
N LYS C 219 26.42 7.17 -24.90
CA LYS C 219 27.37 7.09 -23.80
C LYS C 219 26.69 7.67 -22.57
N PRO C 220 26.59 6.91 -21.48
CA PRO C 220 25.93 7.45 -20.29
C PRO C 220 26.86 8.44 -19.59
N TYR C 221 26.23 9.32 -18.79
CA TYR C 221 26.87 10.45 -18.13
C TYR C 221 27.98 11.09 -18.95
N ASP C 222 27.67 11.48 -20.19
CA ASP C 222 28.72 11.90 -21.12
C ASP C 222 29.23 13.31 -20.83
N GLY C 223 30.56 13.44 -20.88
CA GLY C 223 31.26 14.64 -20.47
C GLY C 223 31.47 14.74 -18.97
N ILE C 224 30.74 13.96 -18.20
CA ILE C 224 30.90 13.91 -16.76
C ILE C 224 32.04 12.94 -16.45
N PRO C 225 33.12 13.39 -15.83
CA PRO C 225 34.17 12.45 -15.42
C PRO C 225 33.72 11.27 -14.56
N ALA C 226 34.46 10.17 -14.64
CA ALA C 226 34.14 9.02 -13.80
C ALA C 226 34.06 9.44 -12.34
N SER C 227 35.08 10.14 -11.85
CA SER C 227 35.23 10.42 -10.42
C SER C 227 34.03 11.16 -9.84
N GLU C 228 33.30 11.89 -10.68
N GLU C 228 33.30 11.89 -10.68
CA GLU C 228 32.15 12.65 -10.23
CA GLU C 228 32.15 12.66 -10.22
C GLU C 228 30.85 11.87 -10.35
C GLU C 228 30.85 11.86 -10.31
N ILE C 229 30.93 10.55 -10.53
CA ILE C 229 29.72 9.75 -10.64
C ILE C 229 29.19 9.35 -9.26
N SER C 230 30.08 8.97 -8.35
CA SER C 230 29.65 8.79 -6.96
C SER C 230 28.85 10.01 -6.50
N SER C 231 29.41 11.20 -6.75
CA SER C 231 28.83 12.43 -6.25
C SER C 231 27.40 12.61 -6.74
N ILE C 232 27.21 12.63 -8.08
CA ILE C 232 25.91 13.02 -8.60
C ILE C 232 24.87 11.94 -8.36
N LEU C 233 25.30 10.75 -7.94
CA LEU C 233 24.39 9.67 -7.59
C LEU C 233 23.85 9.80 -6.17
N GLU C 234 24.58 10.48 -5.28
CA GLU C 234 24.09 10.74 -3.94
C GLU C 234 23.30 12.04 -3.88
N LYS C 235 23.58 13.00 -4.76
CA LYS C 235 22.62 14.06 -4.95
C LYS C 235 21.30 13.52 -5.50
N GLY C 236 21.20 12.23 -5.78
CA GLY C 236 19.98 11.69 -6.35
C GLY C 236 19.76 12.05 -7.81
N GLU C 237 20.84 12.04 -8.62
CA GLU C 237 20.79 12.32 -10.05
C GLU C 237 20.98 11.01 -10.83
N ARG C 238 20.12 10.78 -11.81
CA ARG C 238 20.05 9.52 -12.52
C ARG C 238 20.16 9.77 -14.02
N LEU C 239 20.32 8.72 -14.82
CA LEU C 239 20.38 8.96 -16.26
C LEU C 239 19.09 9.57 -16.78
N PRO C 240 19.13 10.26 -17.91
CA PRO C 240 17.99 11.06 -18.36
C PRO C 240 16.91 10.18 -18.97
N GLN C 241 15.69 10.64 -18.89
CA GLN C 241 14.60 9.89 -19.53
C GLN C 241 14.80 9.83 -21.04
N PRO C 242 14.95 8.63 -21.62
CA PRO C 242 15.06 8.47 -23.08
C PRO C 242 13.82 8.94 -23.82
N PRO C 243 14.00 9.80 -24.82
CA PRO C 243 12.87 10.24 -25.67
C PRO C 243 11.85 9.18 -26.07
N ILE C 244 12.27 7.96 -26.39
CA ILE C 244 11.29 6.96 -26.85
C ILE C 244 10.52 6.34 -25.68
N CYS C 245 11.03 6.42 -24.45
CA CYS C 245 10.46 5.67 -23.33
C CYS C 245 9.17 6.29 -22.79
N THR C 246 8.11 5.50 -22.68
CA THR C 246 7.03 5.93 -21.82
C THR C 246 7.46 5.84 -20.35
N ILE C 247 6.74 6.57 -19.50
CA ILE C 247 7.12 6.64 -18.09
C ILE C 247 7.19 5.25 -17.47
N ASP C 248 6.30 4.36 -17.90
CA ASP C 248 6.34 3.01 -17.35
C ASP C 248 7.74 2.44 -17.45
N VAL C 249 8.39 2.60 -18.62
CA VAL C 249 9.73 2.05 -18.79
C VAL C 249 10.71 2.75 -17.88
N TYR C 250 10.78 4.08 -17.98
CA TYR C 250 11.75 4.87 -17.22
C TYR C 250 11.64 4.61 -15.73
N MET C 251 10.46 4.26 -15.24
CA MET C 251 10.31 3.87 -13.84
C MET C 251 11.11 2.60 -13.53
N ILE C 252 11.18 1.65 -14.47
CA ILE C 252 12.02 0.44 -14.33
C ILE C 252 13.49 0.83 -14.20
N MET C 253 14.01 1.51 -15.21
CA MET C 253 15.39 2.00 -15.17
C MET C 253 15.67 2.71 -13.85
N ARG C 254 14.87 3.72 -13.53
CA ARG C 254 14.99 4.44 -12.27
C ARG C 254 15.12 3.51 -11.06
N LYS C 255 14.18 2.56 -10.91
CA LYS C 255 14.21 1.69 -9.74
C LYS C 255 15.50 0.88 -9.65
N CYS C 256 16.04 0.46 -10.80
CA CYS C 256 17.30 -0.27 -10.77
C CYS C 256 18.39 0.57 -10.12
N TRP C 257 18.19 1.89 -10.13
CA TRP C 257 19.14 2.85 -9.62
C TRP C 257 18.72 3.39 -8.25
N MET C 258 17.94 2.63 -7.51
CA MET C 258 17.72 2.99 -6.12
C MET C 258 18.92 2.62 -5.28
N ILE C 259 19.16 3.41 -4.24
CA ILE C 259 20.36 3.26 -3.43
C ILE C 259 20.26 2.01 -2.57
N ASP C 260 19.06 1.72 -2.08
CA ASP C 260 18.81 0.56 -1.22
C ASP C 260 18.72 -0.65 -2.15
N ALA C 261 19.86 -1.32 -2.33
CA ALA C 261 19.99 -2.42 -3.27
C ALA C 261 18.76 -3.30 -3.22
N ASP C 262 18.31 -3.56 -2.00
CA ASP C 262 17.22 -4.50 -1.76
C ASP C 262 15.88 -3.98 -2.24
N SER C 263 15.71 -2.66 -2.32
CA SER C 263 14.53 -2.11 -3.00
C SER C 263 14.56 -2.36 -4.50
N ARG C 264 15.72 -2.69 -5.06
CA ARG C 264 15.80 -2.86 -6.51
C ARG C 264 15.03 -4.09 -6.97
N PRO C 265 14.58 -4.10 -8.21
CA PRO C 265 13.83 -5.25 -8.70
C PRO C 265 14.74 -6.48 -8.80
N LYS C 266 14.14 -7.65 -8.58
CA LYS C 266 14.75 -8.92 -8.94
C LYS C 266 14.65 -9.12 -10.45
N PHE C 267 15.61 -9.89 -10.98
CA PHE C 267 15.64 -10.16 -12.41
C PHE C 267 14.42 -10.95 -12.87
N ARG C 268 13.89 -11.84 -12.02
CA ARG C 268 12.68 -12.58 -12.36
C ARG C 268 11.47 -11.64 -12.45
N GLU C 269 11.46 -10.56 -11.66
CA GLU C 269 10.39 -9.58 -11.79
C GLU C 269 10.53 -8.80 -13.10
N LEU C 270 11.77 -8.39 -13.43
CA LEU C 270 12.06 -7.68 -14.68
C LEU C 270 11.69 -8.50 -15.91
N ILE C 271 12.01 -9.81 -15.93
CA ILE C 271 11.53 -10.66 -17.02
C ILE C 271 10.03 -10.49 -17.21
N ILE C 272 9.27 -10.56 -16.11
CA ILE C 272 7.83 -10.44 -16.22
C ILE C 272 7.44 -9.06 -16.73
N GLU C 273 7.97 -8.02 -16.11
CA GLU C 273 7.57 -6.67 -16.49
C GLU C 273 7.74 -6.44 -17.98
N PHE C 274 8.95 -6.67 -18.50
CA PHE C 274 9.21 -6.37 -19.91
C PHE C 274 8.44 -7.30 -20.84
N SER C 275 8.14 -8.53 -20.40
CA SER C 275 7.33 -9.42 -21.23
C SER C 275 5.93 -8.85 -21.46
N LYS C 276 5.27 -8.34 -20.41
CA LYS C 276 3.99 -7.65 -20.59
C LYS C 276 4.13 -6.56 -21.66
N MET C 277 5.03 -5.62 -21.42
CA MET C 277 5.22 -4.51 -22.34
C MET C 277 5.41 -5.01 -23.76
N ALA C 278 6.26 -6.03 -23.92
CA ALA C 278 6.51 -6.58 -25.24
C ALA C 278 5.24 -7.15 -25.86
N ARG C 279 4.27 -7.56 -25.04
CA ARG C 279 2.97 -7.93 -25.57
C ARG C 279 2.14 -6.75 -26.02
N ASP C 280 2.61 -5.52 -25.79
CA ASP C 280 1.87 -4.38 -26.29
C ASP C 280 2.86 -3.31 -26.73
N PRO C 281 3.90 -3.67 -27.47
CA PRO C 281 5.11 -2.81 -27.52
C PRO C 281 4.84 -1.32 -27.70
N GLN C 282 4.04 -0.93 -28.70
CA GLN C 282 3.94 0.49 -29.10
C GLN C 282 3.32 1.37 -28.03
N ARG C 283 2.75 0.79 -26.99
CA ARG C 283 2.15 1.56 -25.90
C ARG C 283 3.16 1.96 -24.84
N TYR C 284 4.34 1.32 -24.80
CA TYR C 284 5.38 1.59 -23.82
C TYR C 284 6.65 2.15 -24.45
N LEU C 285 6.69 2.30 -25.77
CA LEU C 285 7.77 2.99 -26.45
C LEU C 285 7.15 3.74 -27.61
N VAL C 286 7.74 4.88 -27.95
CA VAL C 286 7.15 5.85 -28.89
C VAL C 286 8.17 6.06 -29.99
N ILE C 287 8.00 5.36 -31.12
CA ILE C 287 8.99 5.30 -32.19
C ILE C 287 8.35 5.76 -33.49
N GLN C 288 9.02 6.67 -34.21
CA GLN C 288 8.54 7.14 -35.50
C GLN C 288 8.73 6.02 -36.52
N GLY C 289 7.63 5.53 -37.08
CA GLY C 289 7.71 4.42 -38.00
C GLY C 289 7.78 3.05 -37.36
N ASP C 290 7.11 2.87 -36.24
CA ASP C 290 7.29 1.68 -35.40
C ASP C 290 6.45 0.50 -35.86
N GLU C 291 5.44 0.73 -36.69
CA GLU C 291 4.57 -0.33 -37.18
C GLU C 291 5.19 -1.05 -38.38
N ARG C 292 6.02 -0.37 -39.17
CA ARG C 292 6.80 -1.03 -40.22
C ARG C 292 8.08 -1.68 -39.67
N MET C 293 8.24 -1.81 -38.34
CA MET C 293 9.44 -2.38 -37.73
C MET C 293 9.09 -3.57 -36.85
N HIS C 294 8.23 -4.45 -37.34
CA HIS C 294 7.82 -5.64 -36.60
C HIS C 294 8.95 -6.67 -36.56
N LEU C 295 8.75 -7.70 -35.75
CA LEU C 295 9.72 -8.78 -35.70
C LEU C 295 9.80 -9.46 -37.07
N PRO C 296 10.75 -10.36 -37.27
CA PRO C 296 10.86 -11.01 -38.57
C PRO C 296 9.68 -11.95 -38.78
N SER C 297 9.14 -11.94 -40.01
CA SER C 297 8.00 -12.80 -40.37
C SER C 297 8.34 -14.27 -40.13
N PRO C 298 7.36 -15.17 -40.25
CA PRO C 298 7.68 -16.61 -40.13
C PRO C 298 8.76 -17.06 -41.12
N THR C 299 8.71 -16.59 -42.36
CA THR C 299 9.64 -17.05 -43.38
C THR C 299 11.08 -16.70 -43.00
N ASP C 300 11.32 -15.44 -42.63
CA ASP C 300 12.69 -14.98 -42.39
C ASP C 300 13.18 -15.35 -40.99
N SER C 301 12.28 -15.75 -40.11
CA SER C 301 12.67 -16.29 -38.80
C SER C 301 13.16 -17.73 -38.92
N ASN C 302 12.48 -18.53 -39.73
CA ASN C 302 12.91 -19.91 -39.97
C ASN C 302 14.26 -19.95 -40.67
N PHE C 303 14.39 -19.20 -41.77
CA PHE C 303 15.67 -19.06 -42.46
C PHE C 303 16.80 -18.70 -41.50
N TYR C 304 16.61 -17.64 -40.69
CA TYR C 304 17.64 -17.18 -39.76
C TYR C 304 18.06 -18.26 -38.77
N ARG C 305 17.12 -19.10 -38.33
CA ARG C 305 17.42 -20.23 -37.45
C ARG C 305 18.10 -21.36 -38.20
N ALA C 306 17.69 -21.65 -39.44
CA ALA C 306 18.37 -22.68 -40.21
C ALA C 306 19.86 -22.34 -40.39
N LEU C 307 20.19 -21.07 -40.63
CA LEU C 307 21.52 -20.68 -41.10
C LEU C 307 22.46 -20.20 -40.01
N MET C 308 21.96 -19.85 -38.81
CA MET C 308 22.77 -19.16 -37.82
C MET C 308 22.53 -19.61 -36.38
N ASP C 309 21.31 -20.04 -36.02
CA ASP C 309 20.91 -20.17 -34.63
C ASP C 309 20.03 -21.42 -34.52
N GLU C 310 20.64 -22.58 -34.75
CA GLU C 310 19.84 -23.80 -34.72
C GLU C 310 19.42 -24.20 -33.33
N GLU C 311 19.87 -23.47 -32.28
CA GLU C 311 19.49 -23.69 -30.87
C GLU C 311 18.00 -24.00 -30.62
N VAL C 317 8.60 -11.91 -26.36
CA VAL C 317 7.17 -12.00 -26.68
C VAL C 317 6.80 -11.18 -27.94
N ASP C 318 5.56 -11.32 -28.39
CA ASP C 318 5.09 -10.59 -29.57
C ASP C 318 3.79 -9.85 -29.22
N ALA C 319 3.52 -8.79 -30.00
CA ALA C 319 2.28 -8.05 -29.88
C ALA C 319 1.06 -8.95 -30.11
N ASP C 320 -0.11 -8.50 -29.62
CA ASP C 320 -1.29 -9.34 -29.69
C ASP C 320 -2.43 -8.73 -30.48
N ALA D 8 -43.63 26.17 28.24
CA ALA D 8 -42.96 26.86 29.34
C ALA D 8 -41.52 26.40 29.44
N LEU D 9 -41.26 25.16 29.02
CA LEU D 9 -39.91 24.59 29.10
C LEU D 9 -39.11 24.79 27.82
N LEU D 10 -39.76 25.11 26.72
CA LEU D 10 -39.12 25.36 25.44
C LEU D 10 -39.28 26.83 25.07
N ARG D 11 -38.17 27.46 24.70
CA ARG D 11 -38.10 28.89 24.39
C ARG D 11 -38.16 29.10 22.89
N ILE D 12 -39.17 29.83 22.42
CA ILE D 12 -39.18 30.29 21.03
C ILE D 12 -38.18 31.43 20.96
N LEU D 13 -36.95 31.10 20.58
CA LEU D 13 -35.92 32.07 20.27
C LEU D 13 -36.27 32.85 19.01
N LYS D 14 -35.83 34.10 18.95
CA LYS D 14 -35.86 34.85 17.70
C LYS D 14 -34.42 35.12 17.24
N GLU D 15 -34.23 35.14 15.91
CA GLU D 15 -32.89 35.21 15.35
C GLU D 15 -31.98 36.22 16.06
N THR D 16 -32.54 37.28 16.59
CA THR D 16 -31.82 38.41 17.16
C THR D 16 -31.34 38.14 18.58
N GLU D 17 -31.49 36.93 19.12
CA GLU D 17 -30.94 36.64 20.44
C GLU D 17 -29.88 35.55 20.40
N PHE D 18 -29.46 35.13 19.21
CA PHE D 18 -28.44 34.10 19.13
C PHE D 18 -27.67 34.23 17.83
N LYS D 19 -26.33 34.22 17.94
CA LYS D 19 -25.41 34.20 16.81
C LYS D 19 -24.66 32.88 16.77
N LYS D 20 -24.63 32.24 15.60
CA LYS D 20 -23.71 31.15 15.34
C LYS D 20 -22.30 31.74 15.21
N ILE D 21 -21.36 31.21 15.99
CA ILE D 21 -19.98 31.68 15.86
C ILE D 21 -19.15 30.57 15.20
N LYS D 22 -18.62 29.62 15.98
CA LYS D 22 -17.76 28.56 15.45
C LYS D 22 -18.56 27.33 15.02
N VAL D 23 -18.02 26.58 14.02
CA VAL D 23 -18.61 25.31 13.59
C VAL D 23 -17.96 24.17 14.36
N LEU D 24 -18.78 23.25 14.89
CA LEU D 24 -18.28 22.14 15.68
C LEU D 24 -18.31 20.81 14.95
N GLY D 25 -19.19 20.64 13.98
CA GLY D 25 -19.44 19.34 13.40
C GLY D 25 -20.79 19.28 12.75
N SER D 26 -20.91 18.34 11.82
CA SER D 26 -22.15 18.11 11.06
C SER D 26 -22.47 16.63 11.09
N GLY D 27 -23.73 16.32 10.89
CA GLY D 27 -24.17 14.95 10.89
C GLY D 27 -25.39 14.70 10.04
N ALA D 28 -26.12 13.64 10.43
CA ALA D 28 -27.23 13.16 9.62
C ALA D 28 -28.27 14.26 9.40
N PHE D 29 -28.73 14.88 10.50
CA PHE D 29 -29.86 15.82 10.45
C PHE D 29 -29.44 17.26 10.17
N GLY D 30 -28.32 17.73 10.71
CA GLY D 30 -27.82 19.06 10.36
C GLY D 30 -26.50 19.35 11.03
N THR D 31 -26.11 20.63 10.98
CA THR D 31 -24.82 21.10 11.48
C THR D 31 -24.94 21.76 12.85
N VAL D 32 -23.84 21.74 13.58
CA VAL D 32 -23.81 22.19 14.96
C VAL D 32 -22.71 23.25 15.07
N TYR D 33 -22.90 24.19 15.98
CA TYR D 33 -22.12 25.41 16.07
C TYR D 33 -22.01 25.80 17.53
N LYS D 34 -20.85 26.30 17.95
CA LYS D 34 -20.84 27.12 19.16
C LYS D 34 -21.51 28.44 18.84
N GLY D 35 -22.58 28.74 19.59
CA GLY D 35 -23.24 30.02 19.49
C GLY D 35 -23.02 30.85 20.74
N LEU D 36 -23.60 32.05 20.68
CA LEU D 36 -23.84 32.88 21.85
C LEU D 36 -25.32 33.22 21.91
N TRP D 37 -25.88 33.13 23.11
CA TRP D 37 -27.21 33.67 23.37
C TRP D 37 -27.05 35.12 23.84
N ILE D 38 -27.88 36.01 23.34
CA ILE D 38 -27.79 37.43 23.65
C ILE D 38 -29.15 37.92 24.13
N PRO D 39 -29.44 37.90 25.43
CA PRO D 39 -30.78 38.26 25.91
C PRO D 39 -31.11 39.71 25.57
N GLU D 40 -32.29 39.91 24.98
CA GLU D 40 -32.75 41.27 24.69
C GLU D 40 -32.38 42.20 25.84
N GLY D 41 -31.79 43.33 25.49
CA GLY D 41 -31.45 44.32 26.50
C GLY D 41 -30.64 43.83 27.68
N GLU D 42 -29.48 43.21 27.41
CA GLU D 42 -28.50 42.94 28.45
C GLU D 42 -27.10 42.89 27.85
N LYS D 43 -26.10 43.00 28.73
CA LYS D 43 -24.70 43.01 28.37
C LYS D 43 -24.00 41.70 28.69
N VAL D 44 -24.63 40.56 28.42
CA VAL D 44 -23.98 39.25 28.57
C VAL D 44 -24.08 38.49 27.26
N LYS D 45 -23.15 37.57 27.06
CA LYS D 45 -23.26 36.59 25.99
C LYS D 45 -22.95 35.24 26.60
N ILE D 46 -23.88 34.31 26.45
CA ILE D 46 -23.80 33.00 27.07
C ILE D 46 -23.58 31.97 25.97
N PRO D 47 -22.56 31.14 26.05
CA PRO D 47 -22.36 30.14 25.00
C PRO D 47 -23.52 29.17 25.02
N VAL D 48 -23.95 28.76 23.83
CA VAL D 48 -24.88 27.66 23.65
C VAL D 48 -24.38 26.79 22.51
N ALA D 49 -25.09 25.71 22.25
CA ALA D 49 -24.88 24.92 21.06
C ALA D 49 -26.11 24.99 20.18
N ILE D 50 -25.90 25.30 18.90
CA ILE D 50 -26.94 25.45 17.90
C ILE D 50 -26.77 24.33 16.89
N LYS D 51 -27.77 23.46 16.76
CA LYS D 51 -27.86 22.53 15.64
C LYS D 51 -28.81 23.12 14.62
N GLU D 52 -28.33 23.35 13.40
CA GLU D 52 -29.18 23.78 12.30
C GLU D 52 -29.50 22.56 11.45
N LEU D 53 -30.77 22.18 11.43
CA LEU D 53 -31.23 21.15 10.51
C LEU D 53 -30.96 21.58 9.06
N ARG D 54 -30.89 20.59 8.17
CA ARG D 54 -30.69 20.83 6.75
C ARG D 54 -31.95 20.51 5.96
N GLU D 55 -33.08 21.08 6.35
CA GLU D 55 -34.36 20.81 5.70
C GLU D 55 -35.09 22.10 5.44
N ALA D 56 -35.53 22.30 4.20
CA ALA D 56 -36.53 23.32 3.93
C ALA D 56 -37.80 22.99 4.71
N THR D 57 -37.81 23.35 6.00
CA THR D 57 -38.95 23.08 6.87
C THR D 57 -40.10 24.02 6.54
N SER D 58 -41.30 23.46 6.36
CA SER D 58 -42.51 24.19 5.98
C SER D 58 -43.49 24.27 7.15
N PRO D 59 -44.31 25.35 7.20
CA PRO D 59 -45.21 25.57 8.34
C PRO D 59 -45.84 24.32 8.95
N LYS D 60 -46.24 23.37 8.10
CA LYS D 60 -46.87 22.16 8.63
C LYS D 60 -45.85 21.13 9.14
N ALA D 61 -44.63 21.09 8.58
CA ALA D 61 -43.56 20.28 9.14
C ALA D 61 -43.03 20.82 10.46
N ASN D 62 -43.38 22.06 10.83
CA ASN D 62 -43.01 22.62 12.13
C ASN D 62 -44.02 22.24 13.20
N LYS D 63 -45.31 22.22 12.86
CA LYS D 63 -46.28 21.69 13.80
C LYS D 63 -45.91 20.29 14.28
N GLU D 64 -44.97 19.64 13.61
CA GLU D 64 -44.43 18.33 14.00
C GLU D 64 -43.12 18.46 14.76
N ILE D 65 -42.25 19.36 14.33
CA ILE D 65 -41.01 19.62 15.04
C ILE D 65 -41.31 20.31 16.36
N LEU D 66 -42.27 21.23 16.36
CA LEU D 66 -42.71 21.85 17.59
C LEU D 66 -43.52 20.91 18.47
N ASP D 67 -44.18 19.90 17.88
CA ASP D 67 -44.87 18.89 18.68
C ASP D 67 -43.88 18.04 19.44
N GLU D 68 -42.72 17.75 18.82
CA GLU D 68 -41.55 17.33 19.59
C GLU D 68 -40.94 18.59 20.19
N ALA D 69 -39.65 18.61 20.53
CA ALA D 69 -39.15 19.83 21.16
C ALA D 69 -39.87 20.05 22.48
N TYR D 70 -41.16 20.41 22.44
CA TYR D 70 -41.95 20.37 23.66
C TYR D 70 -41.71 19.07 24.42
N VAL D 71 -41.58 17.95 23.70
CA VAL D 71 -41.22 16.65 24.28
C VAL D 71 -39.73 16.56 24.57
N MET D 72 -38.88 17.08 23.68
CA MET D 72 -37.43 17.03 23.89
C MET D 72 -36.95 18.01 24.95
N ALA D 73 -37.71 19.08 25.21
CA ALA D 73 -37.43 19.99 26.31
C ALA D 73 -38.03 19.54 27.64
N SER D 74 -38.59 18.33 27.74
CA SER D 74 -39.08 17.82 29.02
C SER D 74 -38.28 16.63 29.59
N VAL D 75 -37.14 16.27 29.02
CA VAL D 75 -36.36 15.17 29.58
C VAL D 75 -35.44 15.76 30.67
N ASP D 76 -35.73 15.42 31.94
CA ASP D 76 -35.02 16.01 33.06
C ASP D 76 -34.40 14.90 33.92
N ASN D 77 -33.15 14.59 33.62
CA ASN D 77 -32.36 13.60 34.27
C ASN D 77 -30.92 14.04 34.10
N PRO D 78 -30.05 13.87 35.11
CA PRO D 78 -28.65 14.30 34.93
C PRO D 78 -27.97 13.67 33.74
N HIS D 79 -28.48 12.56 33.22
CA HIS D 79 -27.79 11.80 32.20
C HIS D 79 -28.45 11.88 30.84
N VAL D 80 -29.47 12.71 30.69
CA VAL D 80 -30.13 12.90 29.40
C VAL D 80 -30.05 14.38 29.05
N CYS D 81 -29.68 14.69 27.81
CA CYS D 81 -29.61 16.09 27.39
C CYS D 81 -30.99 16.60 27.02
N ARG D 82 -31.09 17.93 26.92
CA ARG D 82 -32.39 18.58 26.82
C ARG D 82 -32.35 19.81 25.93
N LEU D 83 -33.34 19.89 25.06
CA LEU D 83 -33.47 21.01 24.12
C LEU D 83 -33.96 22.23 24.86
N LEU D 84 -33.11 23.27 24.92
CA LEU D 84 -33.47 24.50 25.62
C LEU D 84 -34.32 25.45 24.78
N GLY D 85 -34.00 25.63 23.51
CA GLY D 85 -34.69 26.64 22.73
C GLY D 85 -34.78 26.25 21.28
N ILE D 86 -35.53 27.04 20.54
CA ILE D 86 -35.86 26.73 19.15
C ILE D 86 -36.17 28.02 18.42
N CYS D 87 -35.57 28.19 17.25
CA CYS D 87 -35.90 29.29 16.36
C CYS D 87 -36.43 28.67 15.06
N LEU D 88 -37.59 29.13 14.60
CA LEU D 88 -38.24 28.58 13.41
C LEU D 88 -38.00 29.50 12.22
N THR D 89 -36.86 29.24 11.60
CA THR D 89 -36.51 29.98 10.39
C THR D 89 -36.70 29.01 9.22
N SER D 90 -36.39 29.45 8.02
CA SER D 90 -36.53 28.59 6.84
C SER D 90 -35.86 27.25 7.12
N THR D 91 -34.75 27.30 7.85
CA THR D 91 -34.17 26.13 8.47
C THR D 91 -34.30 26.26 9.99
N VAL D 92 -34.77 25.19 10.64
CA VAL D 92 -34.98 25.21 12.09
C VAL D 92 -33.65 25.13 12.82
N GLN D 93 -33.62 25.67 14.03
CA GLN D 93 -32.38 25.79 14.78
C GLN D 93 -32.67 25.47 16.24
N LEU D 94 -31.86 24.59 16.81
CA LEU D 94 -32.06 24.05 18.13
C LEU D 94 -30.99 24.55 19.08
N ILE D 95 -31.40 25.03 20.24
CA ILE D 95 -30.45 25.54 21.20
C ILE D 95 -30.39 24.58 22.38
N MET D 96 -29.20 24.42 22.92
CA MET D 96 -28.96 23.51 24.04
C MET D 96 -27.60 23.83 24.62
N GLN D 97 -27.26 23.09 25.66
CA GLN D 97 -26.17 23.43 26.56
C GLN D 97 -24.86 23.06 25.91
N LEU D 98 -24.00 24.06 25.73
CA LEU D 98 -22.70 23.79 25.12
C LEU D 98 -21.87 22.93 26.06
N MET D 99 -21.45 21.76 25.56
CA MET D 99 -20.56 20.83 26.26
C MET D 99 -19.15 20.96 25.72
N PRO D 100 -18.32 21.81 26.33
CA PRO D 100 -16.98 22.08 25.79
C PRO D 100 -16.11 20.84 25.65
N PHE D 101 -16.52 19.69 26.19
CA PHE D 101 -15.71 18.47 26.07
C PHE D 101 -16.07 17.61 24.87
N GLY D 102 -17.18 17.88 24.21
CA GLY D 102 -17.51 17.20 22.97
C GLY D 102 -18.11 15.84 23.23
N CYS D 103 -18.43 15.15 22.14
CA CYS D 103 -19.06 13.86 22.32
C CYS D 103 -18.02 12.87 22.85
N LEU D 104 -18.53 11.82 23.51
CA LEU D 104 -17.69 10.82 24.14
C LEU D 104 -16.93 9.98 23.14
N LEU D 105 -17.46 9.80 21.93
CA LEU D 105 -16.70 9.09 20.90
C LEU D 105 -15.34 9.76 20.71
N ASP D 106 -15.33 10.92 20.06
CA ASP D 106 -14.13 11.68 19.75
C ASP D 106 -13.20 11.67 20.96
N TYR D 107 -13.80 11.78 22.14
CA TYR D 107 -13.05 11.93 23.38
C TYR D 107 -12.22 10.67 23.67
N VAL D 108 -12.85 9.49 23.72
CA VAL D 108 -12.08 8.25 23.88
C VAL D 108 -11.03 8.11 22.78
N ARG D 109 -11.30 8.64 21.60
CA ARG D 109 -10.34 8.63 20.52
C ARG D 109 -9.13 9.52 20.80
N GLU D 110 -9.30 10.59 21.55
CA GLU D 110 -8.20 11.51 21.83
C GLU D 110 -7.50 11.20 23.14
N HIS D 111 -8.23 10.56 24.06
CA HIS D 111 -7.69 10.12 25.35
C HIS D 111 -7.56 8.61 25.44
N LYS D 112 -7.58 7.92 24.30
CA LYS D 112 -7.20 6.52 24.20
C LYS D 112 -6.21 6.10 25.28
N ASP D 113 -4.94 6.33 25.05
CA ASP D 113 -3.90 5.89 25.99
C ASP D 113 -3.91 6.73 27.26
N ASN D 114 -5.04 6.80 27.97
CA ASN D 114 -5.13 7.74 29.09
C ASN D 114 -6.34 7.46 29.96
N ILE D 115 -7.30 6.72 29.42
CA ILE D 115 -8.55 6.43 30.10
C ILE D 115 -8.43 5.14 30.89
N GLY D 116 -8.99 5.14 32.10
CA GLY D 116 -8.97 4.02 33.02
C GLY D 116 -10.26 3.21 33.04
N SER D 117 -10.24 2.16 33.87
CA SER D 117 -11.38 1.23 33.96
C SER D 117 -12.58 1.91 34.60
N GLN D 118 -12.39 2.56 35.75
CA GLN D 118 -13.48 3.21 36.47
C GLN D 118 -14.30 4.10 35.55
N TYR D 119 -13.60 4.93 34.77
CA TYR D 119 -14.27 5.81 33.83
C TYR D 119 -15.15 5.03 32.86
N LEU D 120 -14.59 4.00 32.23
CA LEU D 120 -15.30 3.24 31.20
C LEU D 120 -16.53 2.56 31.77
N LEU D 121 -16.37 1.84 32.89
CA LEU D 121 -17.49 1.13 33.48
C LEU D 121 -18.52 2.10 34.06
N ASN D 122 -18.11 3.31 34.42
CA ASN D 122 -19.08 4.31 34.93
C ASN D 122 -19.81 4.93 33.76
N TRP D 123 -19.10 5.43 32.76
CA TRP D 123 -19.79 5.89 31.57
C TRP D 123 -20.82 4.87 31.09
N CYS D 124 -20.54 3.57 31.23
CA CYS D 124 -21.55 2.61 30.83
C CYS D 124 -22.75 2.65 31.76
N VAL D 125 -22.49 2.70 33.07
CA VAL D 125 -23.55 2.90 34.07
C VAL D 125 -24.46 4.04 33.67
N GLN D 126 -23.84 5.22 33.45
CA GLN D 126 -24.59 6.46 33.25
C GLN D 126 -25.41 6.42 31.96
N ILE D 127 -24.84 5.89 30.89
CA ILE D 127 -25.64 5.73 29.68
C ILE D 127 -26.82 4.81 29.93
N ALA D 128 -26.70 3.85 30.85
CA ALA D 128 -27.87 3.03 31.17
C ALA D 128 -28.89 3.81 32.01
N LYS D 129 -28.45 4.52 33.05
CA LYS D 129 -29.37 5.37 33.78
C LYS D 129 -30.17 6.27 32.84
N GLY D 130 -29.46 6.99 31.95
CA GLY D 130 -30.19 7.86 31.04
C GLY D 130 -31.12 7.10 30.14
N MET D 131 -30.61 6.02 29.53
CA MET D 131 -31.45 5.20 28.67
C MET D 131 -32.62 4.60 29.44
N ASN D 132 -32.42 4.24 30.72
CA ASN D 132 -33.54 3.75 31.52
C ASN D 132 -34.57 4.85 31.75
N TYR D 133 -34.10 6.07 32.05
CA TYR D 133 -35.00 7.20 32.17
C TYR D 133 -35.85 7.36 30.91
N LEU D 134 -35.22 7.31 29.74
CA LEU D 134 -36.00 7.45 28.50
C LEU D 134 -37.02 6.33 28.35
N GLU D 135 -36.68 5.10 28.74
CA GLU D 135 -37.65 4.02 28.72
C GLU D 135 -38.84 4.35 29.63
N ASP D 136 -38.58 4.53 30.93
CA ASP D 136 -39.55 4.93 31.93
C ASP D 136 -40.57 5.94 31.39
N ARG D 137 -40.08 6.99 30.71
CA ARG D 137 -40.95 7.96 30.04
C ARG D 137 -41.52 7.43 28.73
N ARG D 138 -41.31 6.14 28.45
CA ARG D 138 -41.75 5.52 27.20
C ARG D 138 -41.28 6.35 26.01
N LEU D 139 -39.96 6.44 25.83
CA LEU D 139 -39.37 7.05 24.64
C LEU D 139 -38.26 6.17 24.11
N VAL D 140 -38.16 6.09 22.79
CA VAL D 140 -37.12 5.31 22.16
C VAL D 140 -36.08 6.26 21.60
N HIS D 141 -34.81 5.97 21.90
CA HIS D 141 -33.75 6.81 21.37
C HIS D 141 -33.71 6.74 19.85
N ARG D 142 -33.50 5.53 19.31
CA ARG D 142 -33.50 5.26 17.88
C ARG D 142 -32.15 5.56 17.25
N ASP D 143 -31.17 5.92 18.06
CA ASP D 143 -29.88 6.31 17.51
C ASP D 143 -28.86 6.48 18.62
N LEU D 144 -28.85 5.54 19.55
CA LEU D 144 -27.84 5.49 20.57
C LEU D 144 -26.50 5.13 19.93
N ALA D 145 -25.52 6.02 20.05
CA ALA D 145 -24.15 5.70 19.70
C ALA D 145 -23.26 6.45 20.66
N ALA D 146 -21.96 6.15 20.63
CA ALA D 146 -21.00 6.95 21.36
C ALA D 146 -21.00 8.41 20.89
N ARG D 147 -21.39 8.65 19.64
CA ARG D 147 -21.37 10.02 19.15
C ARG D 147 -22.57 10.83 19.58
N ASN D 148 -23.67 10.16 19.97
CA ASN D 148 -24.80 10.78 20.66
C ASN D 148 -24.73 10.58 22.16
N VAL D 149 -23.52 10.53 22.69
CA VAL D 149 -23.30 10.75 24.10
C VAL D 149 -22.36 11.95 24.18
N LEU D 150 -22.75 12.96 24.96
CA LEU D 150 -21.94 14.16 25.12
C LEU D 150 -21.21 14.12 26.45
N VAL D 151 -19.95 14.57 26.41
CA VAL D 151 -19.16 14.70 27.63
C VAL D 151 -19.56 16.02 28.30
N LYS D 152 -20.10 15.93 29.50
CA LYS D 152 -20.26 17.13 30.30
C LYS D 152 -19.01 17.39 31.14
N THR D 153 -18.50 16.33 31.77
CA THR D 153 -17.17 16.29 32.36
C THR D 153 -16.70 14.86 32.25
N PRO D 154 -15.38 14.63 32.30
CA PRO D 154 -14.89 13.25 32.23
C PRO D 154 -15.65 12.31 33.15
N GLN D 155 -16.19 12.81 34.27
CA GLN D 155 -16.87 11.93 35.22
C GLN D 155 -18.39 11.94 35.06
N HIS D 156 -18.90 12.56 34.00
CA HIS D 156 -20.33 12.71 33.81
C HIS D 156 -20.62 12.83 32.32
N VAL D 157 -21.43 11.91 31.77
CA VAL D 157 -21.79 11.99 30.36
C VAL D 157 -23.31 12.01 30.22
N LYS D 158 -23.77 12.44 29.04
CA LYS D 158 -25.19 12.69 28.80
C LYS D 158 -25.58 12.26 27.38
N ILE D 159 -26.61 11.41 27.28
CA ILE D 159 -27.18 11.02 26.01
C ILE D 159 -27.79 12.24 25.32
N THR D 160 -27.74 12.25 23.99
CA THR D 160 -28.33 13.34 23.24
C THR D 160 -29.01 12.78 21.99
N ASP D 161 -29.76 13.64 21.29
CA ASP D 161 -30.22 13.37 19.92
C ASP D 161 -31.20 12.19 19.80
N PHE D 162 -32.28 12.19 20.57
CA PHE D 162 -33.23 11.10 20.42
C PHE D 162 -34.54 11.56 19.78
N GLY D 163 -35.34 10.56 19.40
CA GLY D 163 -36.64 10.81 18.82
C GLY D 163 -36.61 11.64 17.56
N VAL D 182 -28.94 6.69 7.78
CA VAL D 182 -29.38 5.60 8.65
C VAL D 182 -28.22 4.84 9.24
N PRO D 183 -28.23 4.64 10.56
CA PRO D 183 -27.08 4.03 11.29
C PRO D 183 -27.17 2.50 11.37
N ILE D 184 -27.17 1.82 10.21
CA ILE D 184 -27.42 0.39 10.20
C ILE D 184 -26.48 -0.36 11.13
N LYS D 185 -25.31 0.20 11.41
CA LYS D 185 -24.36 -0.58 12.17
C LYS D 185 -24.62 -0.57 13.67
N TRP D 186 -25.60 0.23 14.10
CA TRP D 186 -26.06 0.29 15.48
C TRP D 186 -27.47 -0.27 15.69
N MET D 187 -28.26 -0.43 14.63
CA MET D 187 -29.64 -0.87 14.75
C MET D 187 -29.71 -2.37 15.05
N ALA D 188 -30.73 -2.76 15.81
CA ALA D 188 -31.06 -4.17 15.99
C ALA D 188 -31.65 -4.73 14.69
N LEU D 189 -31.48 -6.03 14.50
CA LEU D 189 -31.91 -6.69 13.26
C LEU D 189 -33.31 -6.24 12.84
N GLU D 190 -34.28 -6.35 13.76
CA GLU D 190 -35.64 -5.99 13.43
C GLU D 190 -35.78 -4.51 13.06
N SER D 191 -34.88 -3.64 13.54
CA SER D 191 -34.82 -2.29 12.99
C SER D 191 -34.39 -2.30 11.52
N ILE D 192 -33.38 -3.13 11.19
CA ILE D 192 -32.94 -3.21 9.80
C ILE D 192 -34.05 -3.78 8.93
N LEU D 193 -34.58 -4.92 9.34
CA LEU D 193 -35.55 -5.65 8.52
C LEU D 193 -36.85 -4.86 8.39
N HIS D 194 -37.45 -4.49 9.52
CA HIS D 194 -38.87 -4.17 9.56
C HIS D 194 -39.15 -2.74 9.98
N ARG D 195 -38.12 -1.89 10.09
CA ARG D 195 -38.28 -0.52 10.56
C ARG D 195 -38.98 -0.46 11.93
N ILE D 196 -38.88 -1.54 12.70
CA ILE D 196 -39.37 -1.63 14.05
C ILE D 196 -38.32 -1.01 14.98
N TYR D 197 -38.71 0.03 15.73
CA TYR D 197 -37.89 0.55 16.82
C TYR D 197 -38.64 0.38 18.14
N THR D 198 -37.96 -0.13 19.15
CA THR D 198 -38.55 -0.33 20.46
C THR D 198 -37.48 -0.02 21.51
N HIS D 199 -37.84 -0.19 22.79
CA HIS D 199 -36.82 -0.03 23.81
C HIS D 199 -35.85 -1.19 23.79
N GLN D 200 -36.29 -2.33 23.26
CA GLN D 200 -35.40 -3.53 23.23
C GLN D 200 -34.41 -3.36 22.09
N SER D 201 -34.83 -2.69 21.01
CA SER D 201 -33.87 -2.34 19.96
C SER D 201 -32.86 -1.30 20.44
N ASP D 202 -33.24 -0.47 21.43
CA ASP D 202 -32.27 0.46 22.03
C ASP D 202 -31.19 -0.27 22.84
N VAL D 203 -31.54 -1.36 23.53
CA VAL D 203 -30.56 -2.15 24.29
C VAL D 203 -29.47 -2.69 23.39
N TRP D 204 -29.79 -2.96 22.12
CA TRP D 204 -28.82 -3.33 21.11
C TRP D 204 -27.85 -2.20 20.82
N SER D 205 -28.39 -1.10 20.28
CA SER D 205 -27.53 0.06 20.02
C SER D 205 -26.70 0.41 21.25
N TYR D 206 -27.26 0.20 22.45
CA TYR D 206 -26.45 0.37 23.67
C TYR D 206 -25.32 -0.65 23.73
N GLY D 207 -25.60 -1.89 23.31
CA GLY D 207 -24.53 -2.87 23.18
C GLY D 207 -23.36 -2.36 22.35
N VAL D 208 -23.64 -1.87 21.14
CA VAL D 208 -22.58 -1.32 20.29
C VAL D 208 -21.96 -0.08 20.92
N THR D 209 -22.76 0.75 21.60
CA THR D 209 -22.20 1.96 22.20
C THR D 209 -21.13 1.63 23.22
N VAL D 210 -21.32 0.55 23.99
CA VAL D 210 -20.27 0.13 24.90
C VAL D 210 -19.05 -0.31 24.10
N TRP D 211 -19.21 -1.37 23.29
CA TRP D 211 -18.23 -1.83 22.31
C TRP D 211 -17.39 -0.67 21.78
N GLU D 212 -18.06 0.38 21.29
CA GLU D 212 -17.34 1.58 20.88
C GLU D 212 -16.40 2.06 22.00
N LEU D 213 -16.96 2.33 23.18
CA LEU D 213 -16.15 2.81 24.30
C LEU D 213 -15.02 1.84 24.63
N MET D 214 -15.36 0.56 24.75
CA MET D 214 -14.36 -0.42 25.16
C MET D 214 -13.22 -0.50 24.18
N THR D 215 -13.48 -0.30 22.89
CA THR D 215 -12.43 -0.28 21.88
C THR D 215 -11.92 1.15 21.58
N PHE D 216 -12.08 2.07 22.53
CA PHE D 216 -11.48 3.40 22.44
C PHE D 216 -11.83 4.09 21.12
N GLY D 217 -13.00 3.80 20.59
CA GLY D 217 -13.54 4.53 19.48
C GLY D 217 -13.45 3.86 18.13
N SER D 218 -13.32 2.54 18.10
CA SER D 218 -13.20 1.82 16.85
C SER D 218 -14.52 1.84 16.09
N LYS D 219 -14.43 1.74 14.77
CA LYS D 219 -15.63 1.78 13.93
C LYS D 219 -16.27 0.39 13.88
N PRO D 220 -17.56 0.24 14.13
CA PRO D 220 -18.14 -1.11 14.16
C PRO D 220 -18.31 -1.65 12.74
N TYR D 221 -17.92 -2.92 12.55
CA TYR D 221 -18.03 -3.58 11.25
C TYR D 221 -17.28 -2.79 10.17
N ASP D 222 -15.97 -2.67 10.36
CA ASP D 222 -15.16 -1.79 9.51
C ASP D 222 -14.81 -2.45 8.19
N GLY D 223 -15.00 -1.69 7.10
CA GLY D 223 -14.86 -2.25 5.77
C GLY D 223 -16.13 -2.89 5.29
N ILE D 224 -16.65 -3.86 6.04
CA ILE D 224 -17.88 -4.60 5.71
C ILE D 224 -18.93 -3.62 5.21
N PRO D 225 -19.39 -3.75 3.96
CA PRO D 225 -20.39 -2.82 3.43
C PRO D 225 -21.66 -2.76 4.29
N ALA D 226 -22.47 -1.73 4.04
CA ALA D 226 -23.64 -1.47 4.88
C ALA D 226 -24.78 -2.45 4.60
N SER D 227 -25.11 -2.68 3.33
CA SER D 227 -26.26 -3.51 2.99
C SER D 227 -26.06 -4.97 3.36
N GLU D 228 -24.83 -5.40 3.62
N GLU D 228 -24.82 -5.37 3.64
CA GLU D 228 -24.56 -6.79 3.97
CA GLU D 228 -24.50 -6.76 3.96
C GLU D 228 -24.85 -7.12 5.43
C GLU D 228 -24.84 -7.11 5.42
N ILE D 229 -25.03 -6.11 6.29
CA ILE D 229 -25.09 -6.35 7.74
C ILE D 229 -26.22 -7.31 8.11
N SER D 230 -27.45 -7.00 7.67
CA SER D 230 -28.56 -7.87 8.06
C SER D 230 -28.24 -9.34 7.85
N SER D 231 -27.35 -9.68 6.91
CA SER D 231 -27.09 -11.08 6.59
C SER D 231 -26.04 -11.67 7.54
N ILE D 232 -25.02 -10.89 7.89
CA ILE D 232 -24.00 -11.42 8.80
C ILE D 232 -24.57 -11.56 10.20
N LEU D 233 -25.50 -10.67 10.57
CA LEU D 233 -26.16 -10.77 11.87
C LEU D 233 -27.08 -11.98 11.97
N GLU D 234 -27.68 -12.43 10.85
CA GLU D 234 -28.44 -13.69 10.83
C GLU D 234 -27.52 -14.90 10.91
N LYS D 235 -26.32 -14.83 10.35
CA LYS D 235 -25.34 -15.90 10.44
C LYS D 235 -24.78 -16.08 11.85
N GLY D 236 -25.05 -15.15 12.77
CA GLY D 236 -24.55 -15.18 14.13
C GLY D 236 -23.20 -14.52 14.36
N GLU D 237 -22.69 -13.76 13.39
CA GLU D 237 -21.47 -12.99 13.61
C GLU D 237 -21.80 -11.75 14.41
N ARG D 238 -20.90 -11.38 15.31
CA ARG D 238 -21.09 -10.17 16.11
C ARG D 238 -19.86 -9.28 16.04
N LEU D 239 -19.84 -8.25 16.83
CA LEU D 239 -18.61 -7.53 16.99
C LEU D 239 -17.65 -8.36 17.85
N PRO D 240 -16.33 -8.18 17.66
CA PRO D 240 -15.35 -8.95 18.45
C PRO D 240 -15.23 -8.47 19.89
N GLN D 241 -14.81 -9.40 20.76
CA GLN D 241 -14.41 -9.06 22.11
C GLN D 241 -13.29 -8.01 22.07
N PRO D 242 -13.46 -6.83 22.68
CA PRO D 242 -12.39 -5.82 22.63
C PRO D 242 -11.15 -6.28 23.37
N PRO D 243 -9.95 -5.82 22.94
CA PRO D 243 -8.73 -6.22 23.65
C PRO D 243 -8.84 -6.08 25.15
N ILE D 244 -9.29 -4.94 25.66
CA ILE D 244 -9.28 -4.70 27.12
C ILE D 244 -10.42 -5.44 27.85
N CYS D 245 -11.57 -5.66 27.22
CA CYS D 245 -12.69 -6.26 27.92
C CYS D 245 -12.36 -7.68 28.36
N THR D 246 -12.79 -8.03 29.57
CA THR D 246 -12.76 -9.43 30.01
C THR D 246 -13.96 -10.17 29.40
N ILE D 247 -14.17 -11.42 29.78
CA ILE D 247 -15.32 -12.09 29.21
C ILE D 247 -16.61 -11.65 29.91
N ASP D 248 -16.56 -11.42 31.22
CA ASP D 248 -17.78 -10.99 31.92
C ASP D 248 -18.38 -9.76 31.28
N VAL D 249 -17.52 -8.85 30.82
CA VAL D 249 -17.98 -7.67 30.10
C VAL D 249 -18.39 -8.03 28.68
N TYR D 250 -17.57 -8.82 27.99
CA TYR D 250 -17.90 -9.18 26.62
C TYR D 250 -19.22 -9.93 26.56
N MET D 251 -19.53 -10.67 27.63
CA MET D 251 -20.76 -11.46 27.63
C MET D 251 -21.98 -10.55 27.64
N ILE D 252 -21.91 -9.46 28.41
CA ILE D 252 -23.04 -8.56 28.55
C ILE D 252 -23.39 -7.93 27.21
N MET D 253 -22.38 -7.51 26.46
CA MET D 253 -22.62 -6.91 25.16
C MET D 253 -23.32 -7.88 24.22
N ARG D 254 -22.87 -9.15 24.23
CA ARG D 254 -23.52 -10.16 23.39
C ARG D 254 -25.02 -10.23 23.67
N LYS D 255 -25.40 -10.21 24.95
CA LYS D 255 -26.80 -10.40 25.29
C LYS D 255 -27.65 -9.25 24.75
N CYS D 256 -27.01 -8.10 24.53
CA CYS D 256 -27.71 -6.97 23.94
C CYS D 256 -27.99 -7.20 22.47
N TRP D 257 -27.20 -8.05 21.82
CA TRP D 257 -27.32 -8.26 20.37
C TRP D 257 -28.06 -9.54 20.01
N MET D 258 -28.83 -10.12 20.92
CA MET D 258 -29.55 -11.33 20.60
C MET D 258 -30.69 -11.06 19.63
N ILE D 259 -31.05 -12.09 18.87
CA ILE D 259 -32.06 -11.94 17.82
C ILE D 259 -33.43 -11.74 18.44
N ASP D 260 -33.86 -12.67 19.27
CA ASP D 260 -35.05 -12.49 20.09
C ASP D 260 -34.83 -11.33 21.05
N ALA D 261 -35.60 -10.24 20.90
CA ALA D 261 -35.38 -9.05 21.74
C ALA D 261 -35.49 -9.38 23.22
N ASP D 262 -36.56 -10.09 23.61
CA ASP D 262 -36.89 -10.27 25.01
C ASP D 262 -35.74 -10.87 25.81
N SER D 263 -34.85 -11.64 25.18
CA SER D 263 -33.71 -12.20 25.91
C SER D 263 -32.59 -11.20 26.11
N ARG D 264 -32.64 -10.04 25.46
CA ARG D 264 -31.73 -8.95 25.72
C ARG D 264 -31.94 -8.40 27.13
N PRO D 265 -30.91 -7.79 27.72
CA PRO D 265 -31.07 -7.23 29.07
C PRO D 265 -32.06 -6.08 29.08
N LYS D 266 -32.57 -5.81 30.29
CA LYS D 266 -33.29 -4.58 30.59
C LYS D 266 -32.31 -3.56 31.15
N PHE D 267 -32.52 -2.30 30.77
CA PHE D 267 -31.59 -1.23 31.14
C PHE D 267 -31.36 -1.23 32.64
N ARG D 268 -32.44 -1.35 33.42
CA ARG D 268 -32.27 -1.50 34.86
C ARG D 268 -31.36 -2.70 35.16
N GLU D 269 -31.58 -3.85 34.48
CA GLU D 269 -30.71 -5.02 34.67
C GLU D 269 -29.27 -4.71 34.30
N LEU D 270 -29.04 -3.76 33.40
CA LEU D 270 -27.67 -3.37 33.08
C LEU D 270 -27.10 -2.40 34.11
N ILE D 271 -27.85 -1.33 34.44
CA ILE D 271 -27.41 -0.37 35.46
C ILE D 271 -26.84 -1.13 36.66
N ILE D 272 -27.61 -2.11 37.13
CA ILE D 272 -27.16 -2.97 38.22
C ILE D 272 -25.86 -3.66 37.83
N GLU D 273 -25.89 -4.40 36.72
CA GLU D 273 -24.75 -5.20 36.28
C GLU D 273 -23.48 -4.33 36.16
N PHE D 274 -23.57 -3.20 35.45
CA PHE D 274 -22.35 -2.40 35.27
C PHE D 274 -21.94 -1.66 36.54
N SER D 275 -22.88 -1.37 37.41
CA SER D 275 -22.52 -0.75 38.69
C SER D 275 -21.62 -1.69 39.48
N LYS D 276 -22.05 -2.94 39.68
CA LYS D 276 -21.24 -4.00 40.29
C LYS D 276 -19.80 -3.98 39.78
N MET D 277 -19.63 -4.32 38.50
CA MET D 277 -18.31 -4.29 37.90
C MET D 277 -17.57 -3.00 38.26
N ALA D 278 -18.34 -1.92 38.40
CA ALA D 278 -17.74 -0.61 38.54
C ALA D 278 -17.09 -0.41 39.91
N ARG D 279 -17.36 -1.29 40.88
CA ARG D 279 -16.75 -1.22 42.20
C ARG D 279 -15.44 -2.01 42.27
N ASP D 280 -15.26 -3.00 41.40
CA ASP D 280 -14.04 -3.79 41.32
C ASP D 280 -13.42 -3.60 39.94
N PRO D 281 -12.95 -2.40 39.64
CA PRO D 281 -12.75 -2.02 38.23
C PRO D 281 -11.72 -2.87 37.49
N GLN D 282 -10.53 -3.03 38.06
CA GLN D 282 -9.43 -3.68 37.35
C GLN D 282 -9.71 -5.16 37.10
N ARG D 283 -10.62 -5.76 37.88
CA ARG D 283 -10.96 -7.17 37.69
C ARG D 283 -11.67 -7.41 36.35
N TYR D 284 -12.45 -6.44 35.85
CA TYR D 284 -13.30 -6.67 34.69
C TYR D 284 -12.84 -5.99 33.41
N LEU D 285 -11.91 -5.04 33.46
CA LEU D 285 -11.28 -4.49 32.27
C LEU D 285 -9.78 -4.45 32.51
N VAL D 286 -9.04 -5.20 31.71
CA VAL D 286 -7.60 -5.33 31.81
C VAL D 286 -6.98 -4.22 30.97
N ILE D 287 -6.51 -3.15 31.60
CA ILE D 287 -5.88 -2.05 30.89
C ILE D 287 -4.40 -1.94 31.28
N GLN D 288 -3.56 -1.69 30.28
CA GLN D 288 -2.12 -1.52 30.48
C GLN D 288 -1.89 -0.21 31.21
N GLY D 289 -1.49 -0.29 32.49
CA GLY D 289 -1.36 0.91 33.29
C GLY D 289 -2.63 1.34 34.00
N ASP D 290 -3.65 0.47 34.07
CA ASP D 290 -4.91 0.74 34.72
C ASP D 290 -4.75 1.12 36.20
N GLU D 291 -3.56 1.55 36.59
CA GLU D 291 -3.23 1.86 37.99
C GLU D 291 -2.92 3.33 38.23
N ARG D 292 -2.34 4.01 37.24
CA ARG D 292 -1.95 5.43 37.33
C ARG D 292 -3.02 6.38 36.80
N MET D 293 -4.14 5.87 36.30
CA MET D 293 -5.23 6.64 35.69
C MET D 293 -6.54 6.31 36.41
N HIS D 294 -6.98 7.16 37.34
CA HIS D 294 -8.11 6.80 38.18
C HIS D 294 -8.98 8.02 38.38
N LEU D 295 -10.20 7.74 38.86
CA LEU D 295 -11.20 8.76 39.02
C LEU D 295 -10.60 9.94 39.76
N PRO D 296 -11.27 11.09 39.72
CA PRO D 296 -10.75 12.26 40.43
C PRO D 296 -10.88 12.11 41.94
N SER D 297 -9.99 12.80 42.67
CA SER D 297 -10.23 12.96 44.09
C SER D 297 -11.58 13.62 44.30
N PRO D 298 -12.12 13.56 45.52
CA PRO D 298 -13.27 14.42 45.82
C PRO D 298 -12.91 15.86 45.55
N THR D 299 -11.69 16.27 45.89
CA THR D 299 -11.20 17.61 45.55
C THR D 299 -11.49 17.97 44.10
N ASP D 300 -10.78 17.31 43.18
CA ASP D 300 -10.97 17.63 41.74
C ASP D 300 -12.47 17.57 41.41
N SER D 301 -13.16 16.56 41.95
CA SER D 301 -14.59 16.38 41.69
C SER D 301 -15.41 17.62 42.13
N ASN D 302 -15.13 18.16 43.33
CA ASN D 302 -15.85 19.33 43.83
C ASN D 302 -15.56 20.58 43.03
N PHE D 303 -14.39 20.66 42.41
CA PHE D 303 -14.01 21.85 41.65
C PHE D 303 -14.73 21.87 40.30
N TYR D 304 -14.64 20.75 39.56
CA TYR D 304 -15.41 20.57 38.34
C TYR D 304 -16.89 20.87 38.55
N ARG D 305 -17.50 20.24 39.55
CA ARG D 305 -18.94 20.36 39.72
C ARG D 305 -19.35 21.78 40.09
N ALA D 306 -18.55 22.44 40.94
CA ALA D 306 -18.79 23.84 41.28
C ALA D 306 -18.56 24.79 40.11
N LEU D 307 -17.65 24.47 39.19
CA LEU D 307 -17.49 25.29 37.98
C LEU D 307 -18.59 24.99 36.95
N MET D 308 -18.62 23.75 36.39
CA MET D 308 -19.59 23.36 35.36
C MET D 308 -20.11 21.95 35.63
N ASP D 309 -21.12 21.86 36.49
CA ASP D 309 -21.90 20.64 36.67
C ASP D 309 -22.48 20.59 38.05
N GLU D 310 -23.16 21.63 38.41
CA GLU D 310 -23.80 21.74 39.69
C GLU D 310 -24.97 20.82 39.85
N GLU D 311 -25.18 19.91 38.90
CA GLU D 311 -26.24 18.93 39.00
C GLU D 311 -25.72 17.55 39.43
N VAL D 317 -19.75 3.49 40.18
CA VAL D 317 -19.19 3.60 41.53
C VAL D 317 -17.67 3.80 41.55
N ASP D 318 -17.07 3.57 42.71
CA ASP D 318 -15.63 3.69 42.90
C ASP D 318 -15.16 2.48 43.70
N ALA D 319 -13.86 2.19 43.62
CA ALA D 319 -13.22 1.11 44.37
C ALA D 319 -13.88 0.75 45.72
MG MG E . 1.55 31.06 -1.53
PG ANP F . 2.00 29.13 -4.81
O1G ANP F . 0.92 29.67 -5.70
O2G ANP F . 1.36 29.01 -3.40
O3G ANP F . 2.47 27.79 -5.46
PB ANP F . 4.21 30.23 -3.47
O1B ANP F . 3.79 29.04 -2.67
O2B ANP F . 5.70 30.11 -3.81
N3B ANP F . 3.28 30.27 -4.87
PA ANP F . 3.61 33.00 -3.32
O1A ANP F . 2.20 33.36 -3.08
O2A ANP F . 3.92 33.18 -4.81
O3A ANP F . 3.92 31.55 -2.66
O5' ANP F . 4.59 33.92 -2.50
C5' ANP F . 6.02 33.98 -2.72
C4' ANP F . 6.74 33.74 -1.41
O4' ANP F . 6.54 34.90 -0.57
C3' ANP F . 6.23 32.57 -0.59
O3' ANP F . 6.83 31.33 -0.94
C2' ANP F . 6.61 32.97 0.84
O2' ANP F . 7.93 32.53 1.15
C1' ANP F . 6.53 34.51 0.79
N9 ANP F . 5.33 35.00 1.43
C8 ANP F . 4.03 34.80 1.03
N7 ANP F . 3.14 35.35 1.83
C5 ANP F . 3.91 35.93 2.83
C6 ANP F . 3.55 36.66 3.99
N6 ANP F . 2.30 36.93 4.34
N1 ANP F . 4.55 37.08 4.80
C2 ANP F . 5.81 36.79 4.44
N3 ANP F . 6.27 36.11 3.38
C4 ANP F . 5.26 35.71 2.63
HNB1 ANP F . 2.92 31.09 -4.96
H5'1 ANP F . 6.25 34.86 -3.05
H5'2 ANP F . 6.28 33.30 -3.36
H4' ANP F . 7.70 33.62 -1.56
H3' ANP F . 5.27 32.53 -0.70
HO3' ANP F . 6.77 31.22 -1.81
H2' ANP F . 5.96 32.66 1.48
HO2' ANP F . 8.27 32.12 0.45
H1' ANP F . 7.31 34.88 1.20
H8 ANP F . 3.80 34.32 0.25
HN61 ANP F . 2.11 37.38 5.12
HN62 ANP F . 1.63 36.67 3.80
H2 ANP F . 6.50 37.12 5.05
C13 IXR G . -3.12 35.88 -0.55
C15 IXR G . -0.85 36.59 0.22
C17 IXR G . 1.24 37.61 0.44
C21 IXR G . -4.62 34.42 0.75
C22 IXR G . -5.62 33.46 0.94
C24 IXR G . -5.41 33.76 3.32
C26 IXR G . -4.03 35.04 1.85
C02 IXR G . -6.62 35.73 -1.17
C03 IXR G . -7.38 36.00 -2.47
C04 IXR G . -8.67 36.50 -2.69
C05 IXR G . -9.14 36.64 -4.01
C06 IXR G . -8.33 36.28 -5.09
C07 IXR G . -7.04 35.79 -4.86
C08 IXR G . -6.57 35.64 -3.54
C09 IXR G . -5.22 35.12 -2.95
C12 IXR G . -4.17 34.77 -0.66
C18 IXR G . 0.34 38.69 0.66
C23 IXR G . -6.00 33.14 2.22
C25 IXR G . -4.42 34.71 3.14
N11 IXR G . -5.30 35.18 -1.51
N14 IXR G . -1.84 35.57 0.05
N16 IXR G . 0.52 36.36 0.19
O01 IXR G . -7.08 35.92 -0.10
O10 IXR G . -4.26 34.71 -3.53
O20 IXR G . -3.31 37.01 -0.91
S19 IXR G . -1.16 38.17 0.56
MG MG H . 6.04 -21.65 -6.98
PG ANP I . 8.08 -19.05 -5.51
O1G ANP I . 7.98 -17.55 -5.47
O2G ANP I . 6.69 -19.61 -5.01
O3G ANP I . 9.22 -19.56 -4.57
PB ANP I . 9.45 -20.79 -7.38
O1B ANP I . 9.24 -21.74 -6.27
O2B ANP I . 10.94 -20.39 -7.31
N3B ANP I . 8.35 -19.52 -7.13
PA ANP I . 7.81 -21.44 -9.58
O1A ANP I . 7.08 -22.74 -9.57
O2A ANP I . 6.95 -20.26 -9.10
O3A ANP I . 9.17 -21.56 -8.74
O5' ANP I . 8.17 -21.15 -11.09
C5' ANP I . 7.74 -22.08 -12.10
C4' ANP I . 6.56 -21.58 -12.90
O4' ANP I . 6.36 -22.43 -14.04
C3' ANP I . 5.27 -21.57 -12.10
O3' ANP I . 4.95 -20.26 -11.63
C2' ANP I . 4.23 -22.14 -13.08
O2' ANP I . 3.63 -21.16 -13.91
C1' ANP I . 5.07 -23.03 -13.97
N9 ANP I . 5.21 -24.41 -13.51
C8 ANP I . 5.67 -24.87 -12.29
N7 ANP I . 5.68 -26.17 -12.17
C5 ANP I . 5.18 -26.61 -13.39
C6 ANP I . 4.93 -27.90 -13.91
N6 ANP I . 5.14 -29.04 -13.22
N1 ANP I . 4.43 -27.99 -15.16
C2 ANP I . 4.19 -26.87 -15.84
N3 ANP I . 4.39 -25.61 -15.46
C4 ANP I . 4.89 -25.55 -14.22
HNB1 ANP I . 7.55 -19.80 -7.45
H5'1 ANP I . 7.49 -22.92 -11.67
H5'2 ANP I . 8.48 -22.25 -12.71
H4' ANP I . 6.71 -20.69 -13.28
H3' ANP I . 5.35 -22.19 -11.37
HO3' ANP I . 4.16 -20.05 -11.97
H2' ANP I . 3.59 -22.64 -12.56
HO2' ANP I . 2.85 -21.47 -14.20
H1' ANP I . 4.67 -23.03 -14.86
H8 ANP I . 5.96 -24.28 -11.60
HN61 ANP I . 4.82 -29.83 -13.56
HN62 ANP I . 5.57 -29.01 -12.41
H2 ANP I . 3.84 -26.99 -16.73
MG MG J . 33.53 -7.83 -23.08
PG ANP K . 34.71 -4.91 -21.52
O1G ANP K . 35.32 -6.28 -21.32
O2G ANP K . 35.85 -3.88 -21.79
O3G ANP K . 33.93 -4.34 -20.29
PB ANP K . 34.44 -5.20 -24.33
O1B ANP K . 34.83 -3.89 -24.92
O2B ANP K . 33.45 -5.83 -25.33
N3B ANP K . 33.65 -5.08 -22.84
PA ANP K . 36.21 -7.14 -25.23
O1A ANP K . 35.48 -8.43 -25.10
O2A ANP K . 37.69 -7.34 -24.94
O3A ANP K . 35.74 -6.08 -24.13
O5' ANP K . 35.85 -6.53 -26.71
C5' ANP K . 36.18 -7.09 -28.04
C4' ANP K . 34.97 -7.11 -28.93
O4' ANP K . 34.81 -8.43 -29.49
C3' ANP K . 33.67 -6.82 -28.21
O3' ANP K . 33.33 -5.43 -28.24
C2' ANP K . 32.62 -7.60 -29.03
O2' ANP K . 31.95 -6.76 -29.98
C1' ANP K . 33.43 -8.72 -29.68
N9 ANP K . 33.21 -10.02 -29.10
C8 ANP K . 33.32 -10.39 -27.78
N7 ANP K . 33.10 -11.65 -27.56
C5 ANP K . 32.83 -12.19 -28.82
C6 ANP K . 32.53 -13.49 -29.25
N6 ANP K . 32.41 -14.54 -28.45
N1 ANP K . 32.32 -13.67 -30.57
C2 ANP K . 32.43 -12.61 -31.37
N3 ANP K . 32.70 -11.34 -31.08
C4 ANP K . 32.90 -11.19 -29.77
HNB1 ANP K . 33.17 -5.84 -22.71
H5'1 ANP K . 36.87 -6.54 -28.44
H5'2 ANP K . 36.51 -8.00 -27.92
H4' ANP K . 35.08 -6.49 -29.68
H3' ANP K . 33.75 -7.16 -27.32
HO3' ANP K . 32.54 -5.32 -28.58
H2' ANP K . 31.98 -8.02 -28.44
HO2' ANP K . 31.18 -7.12 -30.22
H1' ANP K . 33.22 -8.71 -30.62
H8 ANP K . 33.55 -9.77 -27.09
HN61 ANP K . 32.16 -15.36 -28.78
HN62 ANP K . 32.54 -14.41 -27.57
H2 ANP K . 32.27 -12.80 -32.32
MG MG L . -25.79 14.10 16.96
PG ANP M . -25.78 11.83 14.20
O1G ANP M . -26.38 12.95 13.39
O2G ANP M . -26.12 10.47 13.54
O3G ANP M . -26.39 11.94 15.64
PB ANP M . -23.44 13.27 15.00
O1B ANP M . -22.22 13.71 14.24
O2B ANP M . -22.89 12.92 16.41
N3B ANP M . -24.09 11.93 14.23
PA ANP M . -24.38 15.92 15.13
O1A ANP M . -24.81 16.66 13.90
O2A ANP M . -25.10 16.28 16.43
O3A ANP M . -24.59 14.37 14.98
O5' ANP M . -22.79 16.15 15.29
C5' ANP M . -22.22 17.44 15.60
C4' ANP M . -21.13 17.34 16.61
O4' ANP M . -21.16 18.53 17.43
C3' ANP M . -21.27 16.18 17.59
O3' ANP M . -20.72 14.96 17.13
C2' ANP M . -20.57 16.71 18.85
O2' ANP M . -19.16 16.56 18.86
C1' ANP M . -20.86 18.22 18.78
N9 ANP M . -21.97 18.66 19.64
C8 ANP M . -23.29 18.39 19.45
N7 ANP M . -24.09 18.89 20.39
C5 ANP M . -23.21 19.54 21.24
C6 ANP M . -23.41 20.28 22.41
N6 ANP M . -24.61 20.49 22.95
N1 ANP M . -22.32 20.80 23.02
C2 ANP M . -21.12 20.59 22.48
N3 ANP M . -20.80 19.92 21.38
C4 ANP M . -21.90 19.42 20.79
HNB1 ANP M . -23.82 11.95 13.37
H5'1 ANP M . -22.93 18.01 15.94
H5'2 ANP M . -21.86 17.82 14.77
H4' ANP M . -20.25 17.29 16.19
H3' ANP M . -22.22 16.07 17.76
HO3' ANP M . -20.18 14.65 17.77
H2' ANP M . -21.00 16.30 19.61
HO2' ANP M . -18.80 16.80 19.64
H1' ANP M . -20.05 18.68 19.04
H8 ANP M . -23.62 17.87 18.72
HN61 ANP M . -24.75 21.17 23.57
HN62 ANP M . -25.32 19.97 22.70
H2 ANP M . -20.36 20.99 22.96
C13 IXR N . -30.93 18.34 19.28
C15 IXR N . -28.69 19.46 19.53
C17 IXR N . -26.78 20.81 19.33
C21 IXR N . -31.99 16.64 20.82
C22 IXR N . -32.75 15.51 21.12
C24 IXR N . -32.23 15.80 23.45
C26 IXR N . -31.37 17.32 21.85
C02 IXR N . -33.54 17.14 17.46
C03 IXR N . -35.01 17.54 17.28
C04 IXR N . -35.86 17.50 16.15
C05 IXR N . -37.19 17.93 16.25
C06 IXR N . -37.66 18.38 17.48
C07 IXR N . -36.83 18.41 18.60
C08 IXR N . -35.50 17.99 18.49
C09 IXR N . -34.36 17.92 19.52
C12 IXR N . -31.84 17.11 19.38
C18 IXR N . -27.82 21.74 19.50
C23 IXR N . -32.87 15.12 22.43
C25 IXR N . -31.48 16.91 23.16
N11 IXR N . -33.17 17.38 18.84
N14 IXR N . -29.52 18.26 19.61
N16 IXR N . -27.31 19.45 19.35
O01 IXR N . -32.81 16.70 16.62
O10 IXR N . -34.49 18.24 20.66
O20 IXR N . -31.41 19.36 18.91
S19 IXR N . -29.23 21.01 19.67
#